data_4LY9
#
_entry.id   4LY9
#
_cell.length_a   148.869
_cell.length_b   148.869
_cell.length_c   132.397
_cell.angle_alpha   90.00
_cell.angle_beta   90.00
_cell.angle_gamma   120.00
#
_symmetry.space_group_name_H-M   'P 65'
#
loop_
_entity.id
_entity.type
_entity.pdbx_description
1 polymer 'Glucokinase regulatory protein'
2 non-polymer 'IODIDE ION'
3 non-polymer D-SORBITOL-6-PHOSPHATE
4 non-polymer (2R)-1,1,1-trifluoro-2-{4-[(2S)-2-{[(3S)-3-methylmorpholin-4-yl]methyl}-4-(thiophen-2-ylsulfonyl)piperazin-1-yl]phenyl}propan-2-ol
5 non-polymer GLYCEROL
6 non-polymer 'SULFATE ION'
7 water water
#
_entity_poly.entity_id   1
_entity_poly.type   'polypeptide(L)'
_entity_poly.pdbx_seq_one_letter_code
;MAHHHHHHDEVDMPGTKRFQHVIETPEPGKWELSGYEAAVPITEKSNPLTQDLDKADAENIVRLLGQCDAEIFQEEGQAL
STYQRLYSESILTTMVQVAGKVQEVLKEPDGGLVVLSGGGTSGRMAFLMSVSFNQLMKGLGQKPLYTYLIAGGDRSVVAS
REGTEDSALHGIEELKKVAAGKKRVIVIGISVGLSAPFVAGQMDCCMNNTAVFLPVLVGFNPVSMARNDPIEDWSSTFRQ
VAERMQKMQEKQKAFVLNPAIGPEGLSGSSRMKGGSATKILLETLLLAAHKTVDQGIAASQRCLLEILRTFERAHQVTYS
QSPKIATLMKSVSTSLEKKGHVYLVGWQTLGIIAIMDGVECIHTFGADFRDVRGFLIGDHSDMFNQKAELTNQGPQFTFS
QEDFLTSILPSLTEIDTVVFIFTLDDNLTEVQTIVEQVKEKTNHIQALAHSTVGQTLPIPLKKLFPSIISITWPLLFFEY
EGNFIQKFQRELSTKWVLNTVSTGAHVLLGKILQNHMLDLRISNSKLFWRALAMLQRFSGQSKARCIESLLRAIHFPQPL
SDDIRAAPISCHVQVAHEKEQVIPIALLSLLFRCSITEAQAHLAAAPSVCEAVRSALAGPGQKRTADPLEILEPDVQ
;
_entity_poly.pdbx_strand_id   A,B
#
loop_
_chem_comp.id
_chem_comp.type
_chem_comp.name
_chem_comp.formula
1YY non-polymer (2R)-1,1,1-trifluoro-2-{4-[(2S)-2-{[(3S)-3-methylmorpholin-4-yl]methyl}-4-(thiophen-2-ylsulfonyl)piperazin-1-yl]phenyl}propan-2-ol 'C23 H30 F3 N3 O4 S2'
GOL non-polymer GLYCEROL 'C3 H8 O3'
IOD non-polymer 'IODIDE ION' 'I -1'
S6P D-saccharide D-SORBITOL-6-PHOSPHATE 'C6 H15 O9 P'
SO4 non-polymer 'SULFATE ION' 'O4 S -2'
#
# COMPACT_ATOMS: atom_id res chain seq x y z
N MET A 13 11.58 8.27 -18.15
CA MET A 13 12.87 9.03 -18.03
C MET A 13 13.24 9.13 -16.54
N PRO A 14 14.48 9.54 -16.23
CA PRO A 14 14.91 9.80 -14.84
C PRO A 14 14.11 10.92 -14.09
N GLY A 15 13.55 10.56 -12.95
CA GLY A 15 12.55 11.40 -12.29
C GLY A 15 11.09 11.19 -12.67
N THR A 16 10.78 10.54 -13.79
CA THR A 16 9.36 10.40 -14.10
C THR A 16 8.64 9.73 -12.91
N LYS A 17 9.25 8.73 -12.29
CA LYS A 17 8.54 8.05 -11.20
C LYS A 17 8.36 8.96 -9.99
N ARG A 18 9.36 9.78 -9.69
CA ARG A 18 9.37 10.54 -8.44
C ARG A 18 8.37 11.65 -8.51
N PHE A 19 8.07 12.12 -9.73
CA PHE A 19 7.31 13.34 -9.92
C PHE A 19 6.03 13.10 -10.67
N GLN A 20 5.65 11.83 -10.74
CA GLN A 20 4.48 11.37 -11.51
C GLN A 20 3.19 12.00 -10.98
N HIS A 21 3.08 12.04 -9.66
CA HIS A 21 1.92 12.59 -9.01
C HIS A 21 1.82 14.14 -9.13
N VAL A 22 2.86 14.82 -9.63
CA VAL A 22 2.81 16.26 -9.73
C VAL A 22 1.87 16.57 -10.88
N ILE A 23 0.83 17.37 -10.64
CA ILE A 23 -0.04 17.83 -11.71
C ILE A 23 0.68 18.93 -12.51
N GLU A 24 0.46 18.92 -13.85
CA GLU A 24 1.06 19.94 -14.73
C GLU A 24 0.56 21.30 -14.31
N THR A 25 1.36 22.32 -14.58
CA THR A 25 0.95 23.69 -14.37
C THR A 25 -0.04 24.13 -15.45
N PRO A 26 -1.15 24.71 -15.03
CA PRO A 26 -2.12 25.19 -16.02
C PRO A 26 -1.72 26.47 -16.75
N GLU A 27 -2.22 26.66 -17.98
CA GLU A 27 -2.02 27.92 -18.74
C GLU A 27 -2.71 29.07 -18.00
N PRO A 28 -2.31 30.32 -18.28
CA PRO A 28 -2.97 31.38 -17.49
C PRO A 28 -4.48 31.34 -17.75
N GLY A 29 -5.29 31.61 -16.73
CA GLY A 29 -6.74 31.58 -16.88
C GLY A 29 -7.41 30.20 -16.72
N LYS A 30 -6.71 29.09 -16.92
CA LYS A 30 -7.35 27.77 -16.76
C LYS A 30 -7.08 27.03 -15.42
N TRP A 31 -6.62 27.75 -14.40
CA TRP A 31 -6.29 27.12 -13.13
C TRP A 31 -7.50 26.34 -12.60
N GLU A 32 -8.69 26.93 -12.69
CA GLU A 32 -9.97 26.24 -12.42
C GLU A 32 -10.28 25.13 -13.43
N LEU A 33 -10.27 25.48 -14.72
CA LEU A 33 -10.78 24.60 -15.79
C LEU A 33 -9.93 23.36 -16.08
N SER A 34 -8.64 23.45 -15.82
CA SER A 34 -7.73 22.31 -15.92
C SER A 34 -8.02 21.21 -14.90
N GLY A 35 -8.82 21.52 -13.87
CA GLY A 35 -9.01 20.61 -12.72
C GLY A 35 -7.92 20.73 -11.64
N TYR A 36 -7.04 21.73 -11.77
CA TYR A 36 -5.89 21.82 -10.88
C TYR A 36 -6.40 22.27 -9.51
N GLU A 37 -7.10 23.41 -9.46
CA GLU A 37 -7.61 23.91 -8.19
C GLU A 37 -8.47 22.92 -7.44
N ALA A 38 -9.25 22.12 -8.14
CA ALA A 38 -10.10 21.13 -7.46
C ALA A 38 -9.29 19.99 -6.79
N ALA A 39 -8.07 19.76 -7.25
CA ALA A 39 -7.20 18.77 -6.66
C ALA A 39 -6.29 19.33 -5.53
N VAL A 40 -6.21 20.64 -5.34
CA VAL A 40 -5.43 21.16 -4.22
C VAL A 40 -6.18 20.84 -2.94
N PRO A 41 -5.55 20.01 -2.08
CA PRO A 41 -6.18 19.69 -0.79
C PRO A 41 -6.71 20.89 -0.06
N ILE A 42 -7.84 20.77 0.62
CA ILE A 42 -8.38 21.99 1.32
C ILE A 42 -7.30 22.59 2.20
N THR A 43 -6.47 21.77 2.85
CA THR A 43 -5.52 22.23 3.82
C THR A 43 -4.38 23.07 3.22
N GLU A 44 -4.13 22.92 1.94
CA GLU A 44 -3.08 23.68 1.26
C GLU A 44 -3.58 24.86 0.50
N LYS A 45 -4.89 25.02 0.43
CA LYS A 45 -5.46 26.03 -0.44
C LYS A 45 -5.12 27.45 0.01
N SER A 46 -5.13 28.38 -0.95
CA SER A 46 -5.10 29.83 -0.71
C SER A 46 -6.48 30.26 -0.16
N ASN A 47 -6.54 30.75 1.07
CA ASN A 47 -7.81 31.22 1.59
C ASN A 47 -8.14 32.55 0.88
N PRO A 48 -9.24 32.61 0.10
CA PRO A 48 -9.66 33.89 -0.57
C PRO A 48 -9.77 35.15 0.39
N LEU A 49 -10.29 34.94 1.59
CA LEU A 49 -10.32 35.98 2.61
C LEU A 49 -8.97 36.66 2.86
N THR A 50 -7.86 35.95 2.61
CA THR A 50 -6.54 36.51 2.94
C THR A 50 -5.67 36.72 1.71
N GLN A 51 -6.28 36.89 0.54
CA GLN A 51 -5.53 37.15 -0.71
C GLN A 51 -4.56 38.33 -0.59
N ASP A 52 -4.93 39.29 0.26
CA ASP A 52 -4.15 40.52 0.45
C ASP A 52 -3.70 40.62 1.88
N LEU A 53 -3.36 39.50 2.49
CA LEU A 53 -2.97 39.54 3.87
C LEU A 53 -1.71 40.35 4.02
N ASP A 54 -0.89 40.36 2.98
CA ASP A 54 0.41 41.02 3.05
C ASP A 54 0.21 42.56 3.03
N LYS A 55 -1.00 43.01 2.68
CA LYS A 55 -1.32 44.46 2.70
C LYS A 55 -2.17 44.88 3.92
N ALA A 56 -2.96 43.97 4.44
CA ALA A 56 -3.71 44.25 5.63
C ALA A 56 -2.86 44.88 6.72
N ASP A 57 -3.45 45.81 7.47
CA ASP A 57 -2.82 46.41 8.67
C ASP A 57 -3.05 45.52 9.90
N ALA A 58 -2.51 45.89 11.05
CA ALA A 58 -2.66 44.99 12.18
C ALA A 58 -4.12 44.65 12.51
N GLU A 59 -4.99 45.64 12.39
CA GLU A 59 -6.39 45.50 12.79
C GLU A 59 -7.15 44.59 11.78
N ASN A 60 -6.95 44.83 10.48
CA ASN A 60 -7.36 43.92 9.41
C ASN A 60 -6.88 42.45 9.55
N ILE A 61 -5.59 42.28 9.84
CA ILE A 61 -5.06 40.98 10.06
C ILE A 61 -5.89 40.28 11.10
N VAL A 62 -6.14 40.90 12.27
CA VAL A 62 -6.88 40.23 13.39
C VAL A 62 -8.26 39.81 12.88
N ARG A 63 -8.85 40.68 12.09
CA ARG A 63 -10.17 40.47 11.58
C ARG A 63 -10.13 39.31 10.56
N LEU A 64 -9.21 39.38 9.62
CA LEU A 64 -9.10 38.33 8.65
C LEU A 64 -8.82 36.97 9.29
N LEU A 65 -7.93 36.89 10.27
CA LEU A 65 -7.69 35.61 10.93
C LEU A 65 -8.83 35.13 11.84
N GLY A 66 -9.53 36.07 12.50
CA GLY A 66 -10.78 35.76 13.28
C GLY A 66 -11.83 35.14 12.37
N GLN A 67 -11.96 35.69 11.19
CA GLN A 67 -12.90 35.20 10.21
C GLN A 67 -12.52 33.74 9.82
N CYS A 68 -11.28 33.56 9.36
CA CYS A 68 -10.68 32.23 9.05
C CYS A 68 -10.95 31.21 10.15
N ASP A 69 -10.61 31.54 11.39
CA ASP A 69 -10.90 30.70 12.58
C ASP A 69 -12.37 30.37 12.78
N ALA A 70 -13.26 31.29 12.39
CA ALA A 70 -14.70 31.12 12.52
C ALA A 70 -15.16 30.01 11.55
N GLU A 71 -14.46 29.86 10.43
CA GLU A 71 -14.84 28.85 9.43
C GLU A 71 -14.91 27.43 10.04
N ILE A 72 -14.26 27.23 11.17
CA ILE A 72 -14.26 25.94 11.79
C ILE A 72 -15.70 25.59 12.16
N PHE A 73 -16.53 26.60 12.46
CA PHE A 73 -17.91 26.37 12.94
C PHE A 73 -19.02 26.66 11.90
N GLN A 74 -18.62 27.01 10.69
CA GLN A 74 -19.52 27.19 9.60
C GLN A 74 -20.14 25.85 9.18
N GLU A 75 -21.44 25.86 8.88
CA GLU A 75 -22.16 24.66 8.58
C GLU A 75 -22.06 24.36 7.12
N GLU A 76 -22.39 23.11 6.80
CA GLU A 76 -22.39 22.63 5.43
C GLU A 76 -23.47 23.32 4.59
N GLY A 77 -23.09 23.87 3.44
CA GLY A 77 -24.03 24.38 2.43
C GLY A 77 -24.78 23.26 1.68
N GLN A 78 -25.75 23.66 0.85
CA GLN A 78 -26.56 22.73 0.03
C GLN A 78 -25.83 22.27 -1.25
N SER A 81 -24.13 20.50 -3.66
CA SER A 81 -23.11 19.50 -3.31
C SER A 81 -21.74 20.08 -2.88
N THR A 82 -21.05 19.38 -1.98
CA THR A 82 -20.32 20.07 -0.92
C THR A 82 -19.67 19.12 0.11
N TYR A 83 -18.64 19.61 0.81
CA TYR A 83 -17.92 18.72 1.78
C TYR A 83 -18.46 18.80 3.26
N GLN A 84 -18.62 17.67 3.90
CA GLN A 84 -19.03 17.63 5.29
C GLN A 84 -18.12 18.50 6.25
N ARG A 85 -18.78 19.04 7.28
CA ARG A 85 -18.17 19.95 8.24
C ARG A 85 -18.48 19.51 9.69
N LEU A 86 -18.01 20.29 10.63
CA LEU A 86 -17.95 19.84 12.01
C LEU A 86 -19.36 19.53 12.51
N TYR A 87 -20.30 20.44 12.18
CA TYR A 87 -21.72 20.29 12.54
C TYR A 87 -22.59 19.39 11.62
N SER A 88 -21.98 18.75 10.62
CA SER A 88 -22.76 17.94 9.67
C SER A 88 -23.11 16.67 10.44
N GLU A 89 -24.25 16.06 10.11
CA GLU A 89 -24.70 14.93 10.89
C GLU A 89 -23.74 13.74 10.73
N SER A 90 -23.20 13.53 9.54
CA SER A 90 -22.23 12.45 9.33
C SER A 90 -21.08 12.57 10.34
N ILE A 91 -20.57 13.78 10.52
CA ILE A 91 -19.44 13.96 11.44
C ILE A 91 -19.83 13.77 12.87
N LEU A 92 -20.93 14.40 13.32
CA LEU A 92 -21.31 14.28 14.74
C LEU A 92 -21.63 12.87 15.10
N THR A 93 -22.30 12.15 14.21
CA THR A 93 -22.57 10.68 14.34
C THR A 93 -21.32 9.87 14.51
N THR A 94 -20.31 10.21 13.74
CA THR A 94 -19.03 9.56 13.91
C THR A 94 -18.39 9.92 15.25
N MET A 95 -18.52 11.16 15.66
CA MET A 95 -18.00 11.54 16.96
C MET A 95 -18.67 10.74 18.07
N VAL A 96 -19.99 10.54 17.95
CA VAL A 96 -20.72 9.72 18.90
C VAL A 96 -20.25 8.28 18.92
N GLN A 97 -20.16 7.65 17.75
CA GLN A 97 -19.68 6.25 17.71
C GLN A 97 -18.28 6.09 18.34
N VAL A 98 -17.41 7.08 18.18
CA VAL A 98 -16.03 7.02 18.73
C VAL A 98 -16.12 7.17 20.26
N ALA A 99 -16.81 8.18 20.75
CA ALA A 99 -17.04 8.27 22.22
C ALA A 99 -17.48 6.93 22.80
N GLY A 100 -18.39 6.26 22.11
CA GLY A 100 -18.89 4.94 22.46
C GLY A 100 -17.74 3.97 22.60
N LYS A 101 -16.89 3.87 21.58
CA LYS A 101 -15.74 2.95 21.63
C LYS A 101 -14.80 3.34 22.74
N VAL A 102 -14.65 4.66 22.97
CA VAL A 102 -13.82 5.12 24.09
C VAL A 102 -14.42 4.57 25.39
N GLN A 103 -15.74 4.66 25.54
CA GLN A 103 -16.41 4.10 26.71
C GLN A 103 -16.05 2.62 26.99
N GLU A 104 -16.15 1.72 26.02
CA GLU A 104 -15.81 0.31 26.28
C GLU A 104 -14.49 0.14 27.02
N VAL A 105 -13.52 0.97 26.64
CA VAL A 105 -12.19 0.91 27.20
C VAL A 105 -12.24 1.41 28.62
N LEU A 106 -12.81 2.59 28.82
CA LEU A 106 -13.01 3.15 30.16
C LEU A 106 -13.71 2.20 31.18
N LYS A 107 -14.58 1.30 30.71
CA LYS A 107 -15.24 0.32 31.62
C LYS A 107 -14.27 -0.79 31.99
N GLU A 108 -13.15 -0.86 31.27
CA GLU A 108 -12.27 -2.01 31.30
C GLU A 108 -10.80 -1.53 31.28
N PRO A 109 -10.43 -0.63 32.19
CA PRO A 109 -9.09 -0.05 32.22
C PRO A 109 -7.92 -1.04 32.30
N ASP A 110 -8.17 -2.28 32.69
CA ASP A 110 -7.08 -3.24 32.79
C ASP A 110 -6.79 -3.83 31.39
N GLY A 111 -5.70 -3.36 30.80
CA GLY A 111 -5.27 -3.80 29.48
C GLY A 111 -5.71 -2.85 28.37
N GLY A 112 -6.26 -1.72 28.78
CA GLY A 112 -6.79 -0.70 27.91
C GLY A 112 -5.81 0.42 27.80
N LEU A 113 -5.74 1.07 26.63
CA LEU A 113 -4.89 2.26 26.44
C LEU A 113 -5.54 3.15 25.38
N VAL A 114 -5.27 4.44 25.43
CA VAL A 114 -5.78 5.37 24.42
C VAL A 114 -4.68 6.26 23.95
N VAL A 115 -4.20 6.09 22.71
CA VAL A 115 -3.05 6.89 22.22
C VAL A 115 -3.44 8.01 21.28
N LEU A 116 -2.90 9.18 21.53
CA LEU A 116 -3.12 10.31 20.66
C LEU A 116 -1.76 10.57 19.98
N SER A 117 -1.72 10.49 18.65
CA SER A 117 -0.46 10.52 17.87
C SER A 117 -0.50 11.52 16.71
N GLY A 118 0.56 12.25 16.50
CA GLY A 118 0.66 13.18 15.40
C GLY A 118 2.09 13.68 15.25
N GLY A 119 2.37 14.26 14.08
CA GLY A 119 3.62 15.00 13.86
C GLY A 119 3.42 16.46 14.13
N GLY A 120 4.49 17.14 14.54
CA GLY A 120 4.48 18.59 14.67
C GLY A 120 3.36 19.07 15.61
N THR A 121 2.58 20.07 15.15
CA THR A 121 1.52 20.61 15.97
C THR A 121 0.48 19.62 16.27
N SER A 122 0.25 18.67 15.38
CA SER A 122 -0.67 17.60 15.76
C SER A 122 -0.15 16.85 16.94
N GLY A 123 1.19 16.67 17.00
CA GLY A 123 1.78 15.93 18.13
C GLY A 123 1.70 16.74 19.44
N ARG A 124 1.92 18.04 19.33
CA ARG A 124 1.78 18.93 20.43
C ARG A 124 0.34 18.93 20.98
N MET A 125 -0.66 19.09 20.10
CA MET A 125 -2.02 18.99 20.55
C MET A 125 -2.29 17.66 21.24
N ALA A 126 -1.67 16.59 20.75
CA ALA A 126 -1.94 15.27 21.33
C ALA A 126 -1.43 15.17 22.81
N PHE A 127 -0.36 15.90 23.06
CA PHE A 127 0.30 15.90 24.34
C PHE A 127 -0.62 16.55 25.36
N LEU A 128 -0.99 17.81 25.09
CA LEU A 128 -1.94 18.54 25.95
C LEU A 128 -3.15 17.72 26.28
N MET A 129 -3.81 17.22 25.25
CA MET A 129 -5.04 16.49 25.48
C MET A 129 -4.78 15.25 26.33
N SER A 130 -3.68 14.53 26.14
CA SER A 130 -3.47 13.31 26.93
C SER A 130 -3.22 13.66 28.42
N VAL A 131 -2.64 14.84 28.68
CA VAL A 131 -2.41 15.33 30.05
C VAL A 131 -3.80 15.59 30.68
N SER A 132 -4.53 16.55 30.11
CA SER A 132 -5.89 16.83 30.52
C SER A 132 -6.67 15.58 30.84
N PHE A 133 -6.76 14.60 29.96
CA PHE A 133 -7.67 13.48 30.28
C PHE A 133 -7.07 12.52 31.30
N ASN A 134 -5.74 12.59 31.44
CA ASN A 134 -5.05 11.87 32.49
C ASN A 134 -5.30 12.54 33.85
N GLN A 135 -5.25 13.88 33.90
CA GLN A 135 -5.68 14.60 35.11
C GLN A 135 -7.10 14.10 35.53
N LEU A 136 -8.07 14.29 34.64
CA LEU A 136 -9.45 13.91 34.87
C LEU A 136 -9.66 12.52 35.43
N MET A 137 -8.94 11.52 34.95
CA MET A 137 -9.07 10.19 35.55
C MET A 137 -8.33 10.08 36.91
N LYS A 138 -7.31 10.92 37.13
CA LYS A 138 -6.66 11.03 38.41
C LYS A 138 -7.62 11.66 39.42
N GLY A 139 -8.09 12.87 39.13
CA GLY A 139 -9.07 13.54 39.94
C GLY A 139 -10.20 12.64 40.42
N LEU A 140 -10.53 11.59 39.66
CA LEU A 140 -11.43 10.53 40.10
C LEU A 140 -10.73 9.29 40.72
N GLY A 141 -9.41 9.32 40.87
CA GLY A 141 -8.65 8.15 41.37
C GLY A 141 -8.78 6.91 40.49
N GLN A 142 -8.68 7.12 39.17
CA GLN A 142 -8.60 6.03 38.18
C GLN A 142 -7.19 6.09 37.59
N LYS A 143 -6.67 4.93 37.19
CA LYS A 143 -5.34 4.92 36.54
C LYS A 143 -5.49 5.66 35.20
N PRO A 144 -4.52 6.55 34.89
CA PRO A 144 -4.42 7.23 33.58
C PRO A 144 -4.42 6.22 32.41
N LEU A 145 -5.32 6.38 31.45
CA LEU A 145 -5.35 5.46 30.30
C LEU A 145 -4.80 6.06 29.02
N TYR A 146 -4.45 7.35 29.06
CA TYR A 146 -4.07 8.09 27.90
C TYR A 146 -2.57 8.21 27.78
N THR A 147 -2.13 8.30 26.54
CA THR A 147 -0.76 8.74 26.31
C THR A 147 -0.64 9.40 24.92
N TYR A 148 0.50 10.04 24.65
CA TYR A 148 0.69 10.70 23.38
C TYR A 148 1.81 9.99 22.63
N LEU A 149 1.99 10.33 21.37
CA LEU A 149 3.09 9.87 20.53
C LEU A 149 3.33 11.02 19.63
N ILE A 150 4.57 11.47 19.55
CA ILE A 150 4.93 12.55 18.67
C ILE A 150 6.15 12.18 17.80
N ALA A 151 6.07 12.54 16.52
CA ALA A 151 7.18 12.33 15.61
C ALA A 151 8.42 12.92 16.24
N GLY A 152 9.42 12.05 16.44
CA GLY A 152 10.74 12.44 16.91
C GLY A 152 10.92 12.25 18.41
N GLY A 153 10.04 11.49 19.05
CA GLY A 153 9.98 11.36 20.51
C GLY A 153 9.67 12.61 21.33
N ASP A 154 9.58 12.41 22.64
CA ASP A 154 9.01 13.37 23.58
C ASP A 154 9.51 14.79 23.46
N ARG A 155 10.77 14.97 23.16
CA ARG A 155 11.35 16.29 22.99
C ARG A 155 10.85 17.08 21.78
N SER A 156 10.21 16.40 20.82
CA SER A 156 9.55 17.13 19.72
C SER A 156 8.42 18.06 20.24
N VAL A 157 7.82 17.74 21.40
CA VAL A 157 6.73 18.56 21.96
C VAL A 157 7.04 20.03 22.01
N VAL A 158 8.29 20.37 22.30
CA VAL A 158 8.68 21.76 22.55
C VAL A 158 9.84 22.14 21.64
N ALA A 159 10.08 21.34 20.62
CA ALA A 159 11.12 21.66 19.63
C ALA A 159 10.58 21.77 18.20
N SER A 160 11.24 22.62 17.40
CA SER A 160 11.06 22.60 15.94
C SER A 160 11.85 21.46 15.34
N ARG A 161 11.15 20.43 14.91
CA ARG A 161 11.78 19.25 14.32
C ARG A 161 10.95 18.70 13.15
N GLU A 162 10.81 19.53 12.15
CA GLU A 162 9.86 19.27 11.06
C GLU A 162 10.22 18.00 10.25
N GLY A 163 11.50 17.59 10.28
CA GLY A 163 11.97 16.44 9.51
C GLY A 163 11.56 15.04 9.95
N THR A 164 11.06 14.90 11.17
CA THR A 164 10.83 13.58 11.75
C THR A 164 9.50 12.92 11.40
N GLU A 165 8.58 13.66 10.82
CA GLU A 165 7.32 13.06 10.38
C GLU A 165 7.32 12.07 9.14
N ASP A 166 8.49 11.90 8.45
CA ASP A 166 8.56 11.26 7.10
C ASP A 166 8.79 9.74 7.08
N SER A 167 8.83 9.13 8.25
CA SER A 167 9.01 7.67 8.34
C SER A 167 7.83 6.97 8.98
N ALA A 168 7.21 6.07 8.23
CA ALA A 168 6.17 5.20 8.73
C ALA A 168 6.69 4.15 9.73
N LEU A 169 7.88 3.58 9.53
CA LEU A 169 8.42 2.58 10.51
C LEU A 169 8.65 3.24 11.86
N HIS A 170 9.12 4.47 11.86
CA HIS A 170 9.32 5.18 13.13
C HIS A 170 7.97 5.32 13.88
N GLY A 171 6.88 5.54 13.14
CA GLY A 171 5.60 5.77 13.74
C GLY A 171 5.11 4.47 14.33
N ILE A 172 5.27 3.39 13.57
CA ILE A 172 4.88 2.06 14.03
C ILE A 172 5.71 1.60 15.23
N GLU A 173 7.02 1.86 15.20
CA GLU A 173 7.94 1.55 16.30
C GLU A 173 7.45 2.18 17.59
N GLU A 174 7.27 3.51 17.58
CA GLU A 174 6.74 4.26 18.72
C GLU A 174 5.42 3.66 19.19
N LEU A 175 4.55 3.30 18.26
CA LEU A 175 3.30 2.70 18.64
C LEU A 175 3.52 1.36 19.34
N LYS A 176 4.52 0.61 18.86
CA LYS A 176 4.86 -0.69 19.44
C LYS A 176 5.40 -0.53 20.86
N LYS A 177 6.23 0.46 21.09
CA LYS A 177 6.78 0.70 22.42
C LYS A 177 5.62 0.75 23.39
N VAL A 178 4.71 1.65 23.10
CA VAL A 178 3.67 2.06 24.02
C VAL A 178 2.52 1.06 24.12
N ALA A 179 2.16 0.38 23.04
CA ALA A 179 1.11 -0.65 23.13
C ALA A 179 1.56 -2.00 23.73
N ALA A 180 2.79 -2.05 24.25
CA ALA A 180 3.27 -3.03 25.26
C ALA A 180 2.57 -4.37 25.22
N GLY A 181 1.95 -4.77 26.32
CA GLY A 181 1.20 -6.00 26.38
C GLY A 181 -0.22 -5.68 26.78
N LYS A 182 -0.76 -4.65 26.12
CA LYS A 182 -2.15 -4.22 26.29
C LYS A 182 -3.03 -5.11 25.47
N LYS A 183 -4.30 -5.16 25.83
CA LYS A 183 -5.26 -6.05 25.19
C LYS A 183 -6.24 -5.31 24.28
N ARG A 184 -6.25 -4.00 24.38
CA ARG A 184 -7.29 -3.16 23.76
C ARG A 184 -6.71 -1.74 23.72
N VAL A 185 -6.40 -1.26 22.51
CA VAL A 185 -5.75 0.03 22.31
C VAL A 185 -6.53 0.89 21.30
N ILE A 186 -6.81 2.12 21.68
CA ILE A 186 -7.41 3.05 20.74
C ILE A 186 -6.36 4.03 20.27
N VAL A 187 -6.19 4.11 18.94
CA VAL A 187 -5.14 4.97 18.34
C VAL A 187 -5.76 6.07 17.52
N ILE A 188 -5.68 7.27 18.09
CA ILE A 188 -6.14 8.48 17.44
C ILE A 188 -4.97 9.13 16.68
N GLY A 189 -4.94 8.88 15.38
CA GLY A 189 -3.91 9.36 14.49
C GLY A 189 -4.30 10.69 13.99
N ILE A 190 -3.57 11.71 14.34
CA ILE A 190 -3.95 13.05 13.99
C ILE A 190 -3.05 13.56 12.91
N SER A 191 -3.59 13.83 11.73
CA SER A 191 -2.84 14.51 10.65
C SER A 191 -3.78 15.40 9.86
N VAL A 192 -3.60 16.69 10.04
CA VAL A 192 -4.48 17.66 9.59
C VAL A 192 -4.65 17.52 8.11
N GLY A 193 -3.55 17.28 7.44
CA GLY A 193 -3.57 17.16 6.00
C GLY A 193 -3.81 15.76 5.52
N LEU A 194 -4.07 14.83 6.44
CA LEU A 194 -4.15 13.39 6.14
C LEU A 194 -2.89 13.09 5.30
N SER A 195 -1.77 13.43 5.90
CA SER A 195 -0.52 13.57 5.22
C SER A 195 0.64 12.82 5.86
N ALA A 196 0.76 12.77 7.20
CA ALA A 196 2.06 12.43 7.80
C ALA A 196 2.38 10.92 7.74
N PRO A 197 3.56 10.54 7.20
CA PRO A 197 3.85 9.11 7.09
C PRO A 197 3.91 8.42 8.43
N PHE A 198 4.32 9.19 9.45
CA PHE A 198 4.26 8.79 10.86
C PHE A 198 2.91 8.22 11.24
N VAL A 199 1.84 8.87 10.85
CA VAL A 199 0.50 8.39 11.23
C VAL A 199 0.05 7.28 10.35
N ALA A 200 0.35 7.40 9.06
CA ALA A 200 -0.21 6.43 8.07
C ALA A 200 0.17 4.99 8.47
N GLY A 201 1.42 4.79 8.82
CA GLY A 201 1.85 3.45 9.27
C GLY A 201 1.23 3.00 10.61
N GLN A 202 1.08 3.89 11.58
CA GLN A 202 0.28 3.58 12.78
C GLN A 202 -1.12 3.03 12.44
N MET A 203 -1.78 3.74 11.55
CA MET A 203 -3.16 3.41 11.22
C MET A 203 -3.25 2.09 10.52
N ASP A 204 -2.29 1.84 9.61
CA ASP A 204 -2.23 0.60 8.82
C ASP A 204 -1.88 -0.59 9.73
N CYS A 205 -0.91 -0.41 10.61
CA CYS A 205 -0.54 -1.45 11.59
C CYS A 205 -1.84 -1.84 12.34
N CYS A 206 -2.52 -0.84 12.89
CA CYS A 206 -3.83 -1.06 13.56
C CYS A 206 -4.78 -1.88 12.74
N MET A 207 -4.98 -1.56 11.48
CA MET A 207 -5.89 -2.43 10.70
C MET A 207 -5.38 -3.86 10.55
N ASN A 208 -4.10 -4.09 10.77
CA ASN A 208 -3.59 -5.44 10.65
C ASN A 208 -3.70 -6.21 11.97
N ASN A 209 -4.25 -5.61 13.01
CA ASN A 209 -4.46 -6.33 14.26
C ASN A 209 -5.62 -5.69 15.03
N THR A 210 -6.79 -5.90 14.45
CA THR A 210 -8.06 -5.33 14.85
C THR A 210 -8.52 -5.91 16.16
N ALA A 211 -8.12 -7.16 16.42
CA ALA A 211 -8.37 -7.85 17.68
C ALA A 211 -7.95 -6.97 18.88
N VAL A 212 -6.87 -6.21 18.70
CA VAL A 212 -6.32 -5.36 19.75
C VAL A 212 -6.51 -3.88 19.45
N PHE A 213 -6.25 -3.47 18.20
CA PHE A 213 -6.22 -2.06 17.87
C PHE A 213 -7.50 -1.51 17.28
N LEU A 214 -7.82 -0.30 17.66
CA LEU A 214 -8.88 0.45 16.99
C LEU A 214 -8.31 1.80 16.51
N PRO A 215 -8.11 1.93 15.17
CA PRO A 215 -7.63 3.18 14.62
C PRO A 215 -8.76 4.18 14.41
N VAL A 216 -8.48 5.42 14.80
CA VAL A 216 -9.30 6.54 14.52
C VAL A 216 -8.43 7.62 13.93
N LEU A 217 -8.71 8.04 12.70
CA LEU A 217 -7.89 9.01 11.98
C LEU A 217 -8.61 10.35 12.01
N VAL A 218 -7.90 11.39 12.41
CA VAL A 218 -8.43 12.70 12.48
C VAL A 218 -7.61 13.62 11.61
N GLY A 219 -8.29 14.40 10.80
CA GLY A 219 -7.67 15.44 9.96
C GLY A 219 -8.80 16.20 9.26
N PHE A 220 -8.46 17.09 8.34
CA PHE A 220 -9.42 18.05 7.85
C PHE A 220 -9.44 18.14 6.32
N ASN A 221 -9.05 17.04 5.69
CA ASN A 221 -9.25 16.89 4.24
C ASN A 221 -10.22 15.77 4.01
N PRO A 222 -11.05 15.86 2.96
CA PRO A 222 -11.76 14.64 2.54
C PRO A 222 -10.79 13.58 2.18
N VAL A 223 -11.19 12.35 2.39
CA VAL A 223 -10.34 11.27 2.00
C VAL A 223 -9.88 11.28 0.52
N SER A 224 -10.70 11.79 -0.37
CA SER A 224 -10.28 11.87 -1.79
C SER A 224 -9.20 12.88 -1.97
N MET A 225 -8.89 13.71 -0.97
CA MET A 225 -7.75 14.59 -1.07
C MET A 225 -6.66 14.16 -0.12
N ALA A 226 -6.74 12.95 0.41
CA ALA A 226 -5.69 12.54 1.29
C ALA A 226 -4.45 12.42 0.46
N ARG A 227 -3.31 12.58 1.10
CA ARG A 227 -2.01 12.50 0.44
C ARG A 227 -1.79 11.16 -0.22
N ASN A 228 -1.25 11.22 -1.43
CA ASN A 228 -1.11 10.06 -2.33
C ASN A 228 0.24 9.88 -3.01
N ASP A 229 1.28 10.58 -2.59
CA ASP A 229 2.65 10.33 -3.10
C ASP A 229 3.31 9.25 -2.27
N PRO A 230 4.28 8.49 -2.83
CA PRO A 230 4.83 7.36 -2.08
C PRO A 230 5.58 7.81 -0.83
N ILE A 231 5.53 6.95 0.16
CA ILE A 231 6.24 7.07 1.39
C ILE A 231 7.46 6.20 1.19
N GLU A 232 8.60 6.76 1.48
CA GLU A 232 9.85 6.11 1.25
C GLU A 232 10.00 4.77 1.93
N ASP A 233 9.58 4.65 3.18
CA ASP A 233 9.72 3.37 3.90
C ASP A 233 8.42 2.54 4.02
N TRP A 234 7.48 2.69 3.10
CA TRP A 234 6.15 2.04 3.25
C TRP A 234 5.50 1.91 1.86
N SER A 235 4.68 0.89 1.68
CA SER A 235 4.20 0.52 0.34
C SER A 235 2.89 1.17 -0.07
N SER A 236 2.04 1.49 0.91
CA SER A 236 0.75 2.12 0.71
C SER A 236 0.83 3.60 0.87
N THR A 237 -0.13 4.32 0.32
CA THR A 237 -0.18 5.79 0.52
C THR A 237 -1.13 6.15 1.67
N PHE A 238 -1.12 7.39 2.14
CA PHE A 238 -2.06 7.82 3.17
C PHE A 238 -3.49 7.63 2.65
N ARG A 239 -3.67 8.00 1.40
CA ARG A 239 -5.03 7.85 0.79
C ARG A 239 -5.54 6.44 0.85
N GLN A 240 -4.69 5.46 0.55
CA GLN A 240 -5.16 4.09 0.52
C GLN A 240 -5.51 3.63 1.91
N VAL A 241 -4.66 4.01 2.84
CA VAL A 241 -4.88 3.74 4.22
C VAL A 241 -6.18 4.33 4.66
N ALA A 242 -6.38 5.60 4.36
CA ALA A 242 -7.61 6.22 4.80
C ALA A 242 -8.85 5.65 4.10
N GLU A 243 -8.72 5.31 2.80
CA GLU A 243 -9.86 4.72 2.08
C GLU A 243 -10.22 3.38 2.73
N ARG A 244 -9.22 2.63 3.17
CA ARG A 244 -9.49 1.32 3.73
C ARG A 244 -10.10 1.41 5.15
N MET A 245 -9.74 2.46 5.93
CA MET A 245 -10.28 2.71 7.27
C MET A 245 -11.78 3.10 7.12
N GLN A 246 -12.04 3.88 6.09
CA GLN A 246 -13.39 4.27 5.79
C GLN A 246 -14.30 3.04 5.49
N LYS A 247 -13.83 2.05 4.71
CA LYS A 247 -14.62 0.82 4.58
C LYS A 247 -14.84 0.12 5.94
N MET A 248 -13.80 0.07 6.79
CA MET A 248 -13.90 -0.56 8.11
C MET A 248 -14.90 0.10 9.03
N GLN A 249 -15.22 1.37 8.77
CA GLN A 249 -16.11 2.11 9.60
C GLN A 249 -17.54 1.57 9.51
N GLU A 250 -17.96 1.10 8.34
CA GLU A 250 -19.28 0.38 8.19
C GLU A 250 -19.47 -0.75 9.19
N LYS A 251 -18.38 -1.40 9.58
CA LYS A 251 -18.39 -2.50 10.55
C LYS A 251 -17.87 -1.97 11.89
N GLN A 252 -17.75 -0.64 12.02
CA GLN A 252 -17.26 0.01 13.27
C GLN A 252 -15.88 -0.45 13.77
N LYS A 253 -15.02 -0.87 12.85
CA LYS A 253 -13.66 -1.32 13.24
C LYS A 253 -12.55 -0.30 12.94
N ALA A 254 -12.86 0.79 12.22
CA ALA A 254 -11.99 1.95 12.11
C ALA A 254 -12.87 3.16 11.96
N PHE A 255 -12.32 4.35 12.20
CA PHE A 255 -13.07 5.55 11.96
C PHE A 255 -12.23 6.62 11.34
N VAL A 256 -12.87 7.43 10.49
CA VAL A 256 -12.25 8.61 9.95
C VAL A 256 -13.14 9.77 10.33
N LEU A 257 -12.54 10.80 10.90
CA LEU A 257 -13.19 11.98 11.43
C LEU A 257 -12.55 13.17 10.75
N ASN A 258 -13.14 13.65 9.70
CA ASN A 258 -12.45 14.57 8.84
C ASN A 258 -13.34 15.63 8.25
N PRO A 259 -13.72 16.58 9.09
CA PRO A 259 -14.55 17.69 8.57
C PRO A 259 -13.71 18.69 7.89
N ALA A 260 -14.27 19.39 6.90
CA ALA A 260 -13.59 20.50 6.27
C ALA A 260 -13.75 21.71 7.21
N ILE A 261 -12.70 22.48 7.42
CA ILE A 261 -12.80 23.70 8.26
C ILE A 261 -12.35 24.86 7.45
N GLY A 262 -12.09 24.63 6.16
CA GLY A 262 -11.61 25.66 5.23
C GLY A 262 -10.11 25.93 5.29
N PRO A 263 -9.56 26.54 4.26
CA PRO A 263 -8.13 26.75 4.19
C PRO A 263 -7.63 27.62 5.32
N GLU A 264 -6.32 27.51 5.64
CA GLU A 264 -5.66 28.36 6.62
C GLU A 264 -5.44 29.76 6.05
N GLY A 265 -5.37 30.76 6.93
CA GLY A 265 -5.25 32.13 6.53
C GLY A 265 -3.84 32.40 6.02
N LEU A 266 -2.86 31.70 6.59
CA LEU A 266 -1.56 31.53 5.91
C LEU A 266 -1.56 30.11 5.28
N SER A 267 -1.62 30.05 3.93
CA SER A 267 -1.70 28.81 3.17
C SER A 267 -0.82 27.71 3.74
N GLY A 268 -1.47 26.62 4.18
CA GLY A 268 -0.77 25.42 4.58
C GLY A 268 -0.23 25.51 5.98
N SER A 269 -0.56 26.57 6.71
CA SER A 269 -0.07 26.67 8.08
C SER A 269 -1.03 25.95 9.01
N SER A 270 -1.03 24.61 8.93
CA SER A 270 -1.99 23.82 9.71
C SER A 270 -1.77 23.91 11.24
N ARG A 271 -0.76 24.64 11.70
CA ARG A 271 -0.65 24.82 13.16
C ARG A 271 -1.84 25.63 13.68
N MET A 272 -2.39 26.49 12.81
CA MET A 272 -3.46 27.41 13.17
C MET A 272 -4.86 26.75 13.28
N LYS A 273 -5.73 26.90 12.28
CA LYS A 273 -7.03 26.23 12.35
C LYS A 273 -6.92 24.76 12.56
N GLY A 274 -5.97 24.10 11.89
CA GLY A 274 -5.87 22.67 12.07
C GLY A 274 -5.65 22.24 13.52
N GLY A 275 -4.68 22.90 14.17
CA GLY A 275 -4.41 22.56 15.56
C GLY A 275 -5.60 22.96 16.44
N SER A 276 -6.22 24.10 16.16
CA SER A 276 -7.45 24.48 16.92
C SER A 276 -8.59 23.48 16.75
N ALA A 277 -8.91 23.15 15.48
CA ALA A 277 -9.99 22.21 15.23
C ALA A 277 -9.69 20.83 15.83
N THR A 278 -8.39 20.50 15.96
CA THR A 278 -8.05 19.24 16.59
C THR A 278 -8.50 19.23 18.07
N LYS A 279 -8.19 20.23 18.85
CA LYS A 279 -8.60 20.24 20.26
C LYS A 279 -10.13 20.27 20.32
N ILE A 280 -10.72 21.20 19.58
CA ILE A 280 -12.16 21.36 19.58
C ILE A 280 -12.78 20.02 19.38
N LEU A 281 -12.31 19.34 18.35
CA LEU A 281 -12.99 18.10 17.97
C LEU A 281 -12.76 17.01 19.00
N LEU A 282 -11.50 16.85 19.41
CA LEU A 282 -11.19 15.68 20.28
C LEU A 282 -11.52 15.95 21.79
N GLU A 283 -11.31 17.16 22.27
CA GLU A 283 -11.73 17.48 23.64
C GLU A 283 -13.25 17.26 23.84
N THR A 284 -14.03 17.86 22.93
CA THR A 284 -15.48 17.64 22.85
C THR A 284 -15.87 16.18 23.00
N LEU A 285 -15.22 15.31 22.24
CA LEU A 285 -15.66 13.91 22.14
C LEU A 285 -15.14 13.09 23.33
N LEU A 286 -13.94 13.38 23.76
CA LEU A 286 -13.43 12.63 24.89
C LEU A 286 -14.24 13.03 26.18
N LEU A 287 -14.30 14.32 26.47
CA LEU A 287 -15.11 14.84 27.57
C LEU A 287 -16.58 14.33 27.58
N ALA A 288 -17.25 14.36 26.44
CA ALA A 288 -18.54 13.65 26.38
C ALA A 288 -18.47 12.21 26.89
N ALA A 289 -17.38 11.52 26.55
CA ALA A 289 -17.36 10.11 26.79
C ALA A 289 -17.25 9.86 28.30
N HIS A 290 -16.32 10.56 28.92
CA HIS A 290 -16.13 10.43 30.35
C HIS A 290 -17.42 10.88 31.05
N LYS A 291 -17.78 12.12 30.79
CA LYS A 291 -18.89 12.74 31.46
C LYS A 291 -20.17 11.89 31.32
N THR A 292 -20.33 11.10 30.26
CA THR A 292 -21.49 10.22 30.15
C THR A 292 -21.31 8.78 30.63
N VAL A 293 -20.08 8.26 30.75
CA VAL A 293 -19.95 6.91 31.39
C VAL A 293 -20.45 6.85 32.82
N ASP A 294 -20.08 7.87 33.59
CA ASP A 294 -20.41 7.83 35.01
C ASP A 294 -21.88 8.15 35.19
N GLN A 295 -22.53 8.75 34.17
CA GLN A 295 -24.01 8.94 34.18
C GLN A 295 -24.81 7.71 33.77
N GLY A 296 -24.18 6.65 33.25
CA GLY A 296 -24.91 5.48 32.77
C GLY A 296 -25.81 5.80 31.59
N ILE A 297 -25.30 6.67 30.73
CA ILE A 297 -25.98 7.16 29.53
C ILE A 297 -24.99 7.05 28.32
N ALA A 298 -25.51 6.71 27.14
CA ALA A 298 -24.70 6.83 25.93
C ALA A 298 -24.34 8.28 25.61
N ALA A 299 -23.15 8.46 25.05
CA ALA A 299 -22.82 9.68 24.31
C ALA A 299 -23.89 9.96 23.25
N SER A 300 -24.32 11.22 23.15
CA SER A 300 -25.39 11.61 22.20
C SER A 300 -24.97 12.91 21.52
N GLN A 301 -25.56 13.20 20.36
CA GLN A 301 -25.18 14.40 19.60
C GLN A 301 -25.39 15.60 20.45
N ARG A 302 -26.49 15.56 21.23
CA ARG A 302 -26.85 16.63 22.15
C ARG A 302 -25.73 16.91 23.16
N CYS A 303 -25.08 15.90 23.73
CA CYS A 303 -23.96 16.25 24.67
C CYS A 303 -22.76 16.90 23.94
N LEU A 304 -22.44 16.38 22.75
CA LEU A 304 -21.37 16.94 21.92
C LEU A 304 -21.68 18.37 21.57
N LEU A 305 -22.92 18.59 21.15
CA LEU A 305 -23.35 19.92 20.73
C LEU A 305 -23.14 20.98 21.78
N GLU A 306 -23.48 20.66 23.02
CA GLU A 306 -23.30 21.61 24.14
C GLU A 306 -21.88 22.08 24.18
N ILE A 307 -20.97 21.13 24.09
CA ILE A 307 -19.53 21.42 24.12
C ILE A 307 -19.04 22.17 22.89
N LEU A 308 -19.51 21.74 21.72
CA LEU A 308 -19.10 22.47 20.50
C LEU A 308 -19.50 23.92 20.57
N ARG A 309 -20.73 24.15 21.05
CA ARG A 309 -21.28 25.53 21.08
C ARG A 309 -20.54 26.38 22.10
N THR A 310 -20.13 25.76 23.19
CA THR A 310 -19.26 26.47 24.13
C THR A 310 -17.96 26.84 23.43
N PHE A 311 -17.34 25.89 22.70
CA PHE A 311 -16.10 26.26 21.96
C PHE A 311 -16.42 27.35 20.96
N GLU A 312 -17.58 27.29 20.35
CA GLU A 312 -17.93 28.34 19.38
C GLU A 312 -18.15 29.70 20.08
N ARG A 313 -18.74 29.70 21.28
CA ARG A 313 -18.82 30.96 22.09
C ARG A 313 -17.40 31.47 22.37
N ALA A 314 -16.53 30.55 22.78
CA ALA A 314 -15.12 30.91 23.04
C ALA A 314 -14.42 31.71 21.95
N HIS A 315 -14.78 31.49 20.69
CA HIS A 315 -14.19 32.31 19.63
C HIS A 315 -14.76 33.68 19.58
N GLN A 316 -16.06 33.78 19.82
CA GLN A 316 -16.71 35.09 19.87
C GLN A 316 -16.14 35.92 21.04
N VAL A 317 -16.06 35.28 22.19
CA VAL A 317 -15.47 35.90 23.38
C VAL A 317 -14.04 36.37 23.10
N THR A 318 -13.23 35.48 22.51
CA THR A 318 -11.83 35.78 22.26
C THR A 318 -11.65 36.95 21.36
N TYR A 319 -12.29 36.93 20.21
CA TYR A 319 -12.05 37.95 19.21
C TYR A 319 -12.86 39.24 19.44
N SER A 320 -13.65 39.30 20.52
CA SER A 320 -14.25 40.57 20.95
C SER A 320 -13.16 41.41 21.58
N GLN A 321 -12.08 40.79 22.01
CA GLN A 321 -10.90 41.52 22.39
C GLN A 321 -9.98 41.92 21.23
N SER A 322 -10.54 42.07 20.02
CA SER A 322 -9.70 42.30 18.82
C SER A 322 -8.74 43.52 18.84
N PRO A 323 -9.26 44.72 19.15
CA PRO A 323 -8.37 45.89 19.16
C PRO A 323 -7.10 45.72 20.02
N LYS A 324 -7.24 45.10 21.19
CA LYS A 324 -6.11 44.89 22.11
C LYS A 324 -5.21 43.76 21.59
N ILE A 325 -5.79 42.80 20.87
CA ILE A 325 -4.99 41.78 20.18
C ILE A 325 -4.18 42.44 19.09
N ALA A 326 -4.80 43.30 18.30
CA ALA A 326 -4.04 44.05 17.29
C ALA A 326 -2.88 44.88 17.87
N THR A 327 -3.11 45.53 19.00
CA THR A 327 -2.10 46.43 19.61
C THR A 327 -0.86 45.60 19.98
N LEU A 328 -1.10 44.48 20.69
CA LEU A 328 -0.05 43.54 21.11
C LEU A 328 0.75 43.05 19.92
N MET A 329 0.06 42.80 18.80
CA MET A 329 0.72 42.42 17.55
C MET A 329 1.65 43.54 17.09
N LYS A 330 1.19 44.79 17.14
CA LYS A 330 2.04 45.91 16.68
C LYS A 330 3.30 46.06 17.55
N SER A 331 3.19 45.80 18.84
CA SER A 331 4.37 45.78 19.71
C SER A 331 5.32 44.58 19.48
N VAL A 332 4.76 43.39 19.19
CA VAL A 332 5.58 42.22 18.83
C VAL A 332 6.33 42.46 17.51
N SER A 333 5.66 43.12 16.58
CA SER A 333 6.21 43.39 15.27
C SER A 333 7.35 44.41 15.35
N THR A 334 7.19 45.44 16.22
CA THR A 334 8.20 46.50 16.39
C THR A 334 9.47 45.89 17.01
N SER A 335 9.33 45.19 18.13
CA SER A 335 10.47 44.54 18.78
C SER A 335 11.33 43.70 17.82
N LEU A 336 10.68 43.15 16.80
CA LEU A 336 11.33 42.29 15.84
C LEU A 336 11.87 43.05 14.68
N GLU A 337 11.18 44.13 14.33
CA GLU A 337 11.64 45.01 13.27
C GLU A 337 12.95 45.66 13.69
N LYS A 338 13.09 46.02 14.96
CA LYS A 338 14.35 46.59 15.45
C LYS A 338 15.33 45.43 15.49
N LYS A 339 15.72 44.89 16.64
CA LYS A 339 16.22 43.50 16.63
C LYS A 339 16.08 42.87 17.98
N GLY A 340 14.95 43.13 18.59
CA GLY A 340 14.71 42.71 19.95
C GLY A 340 14.14 41.33 19.97
N HIS A 341 13.64 40.95 21.13
CA HIS A 341 13.13 39.62 21.35
C HIS A 341 11.79 39.72 22.06
N VAL A 342 11.04 38.64 22.00
CA VAL A 342 9.71 38.60 22.57
C VAL A 342 9.60 37.39 23.50
N TYR A 343 9.15 37.66 24.72
CA TYR A 343 9.12 36.63 25.73
C TYR A 343 7.65 36.40 26.04
N LEU A 344 7.28 35.13 26.20
CA LEU A 344 5.91 34.73 26.37
C LEU A 344 5.93 33.95 27.63
N VAL A 345 5.31 34.53 28.66
CA VAL A 345 5.55 34.05 29.98
C VAL A 345 4.22 33.68 30.55
N GLY A 346 4.07 32.45 30.99
CA GLY A 346 2.75 32.03 31.35
C GLY A 346 2.82 30.86 32.27
N TRP A 347 1.65 30.49 32.83
CA TRP A 347 1.61 29.56 33.93
C TRP A 347 0.78 28.34 33.57
N GLN A 348 1.09 27.23 34.23
CA GLN A 348 0.56 25.93 33.87
C GLN A 348 0.42 25.79 32.34
N THR A 349 -0.64 25.12 31.84
CA THR A 349 -0.70 24.80 30.43
C THR A 349 -0.66 25.99 29.49
N LEU A 350 -1.06 27.16 29.92
CA LEU A 350 -0.88 28.32 29.05
C LEU A 350 0.58 28.65 28.87
N GLY A 351 1.40 28.26 29.84
CA GLY A 351 2.82 28.47 29.68
C GLY A 351 3.31 27.67 28.48
N ILE A 352 2.95 26.39 28.48
CA ILE A 352 3.31 25.44 27.44
C ILE A 352 2.83 25.98 26.10
N ILE A 353 1.53 26.20 25.95
CA ILE A 353 0.95 26.72 24.70
C ILE A 353 1.82 27.85 24.19
N ALA A 354 2.35 28.66 25.13
CA ALA A 354 3.23 29.81 24.78
C ALA A 354 4.55 29.35 24.12
N ILE A 355 5.10 28.27 24.65
CA ILE A 355 6.37 27.73 24.23
C ILE A 355 6.15 27.10 22.87
N MET A 356 5.06 26.34 22.75
CA MET A 356 4.64 25.77 21.50
C MET A 356 4.53 26.90 20.51
N ASP A 357 3.86 27.98 20.86
CA ASP A 357 3.75 29.03 19.84
C ASP A 357 5.10 29.53 19.39
N GLY A 358 6.01 29.81 20.32
CA GLY A 358 7.30 30.48 19.93
C GLY A 358 8.23 29.59 19.09
N VAL A 359 8.32 28.33 19.48
CA VAL A 359 9.02 27.36 18.67
C VAL A 359 8.47 27.24 17.19
N GLU A 360 7.14 27.26 17.03
CA GLU A 360 6.59 27.05 15.69
C GLU A 360 7.02 28.15 14.74
N CYS A 361 7.35 29.28 15.32
CA CYS A 361 7.83 30.45 14.57
C CYS A 361 9.17 30.22 13.84
N ILE A 362 9.95 29.28 14.33
CA ILE A 362 11.27 28.97 13.76
C ILE A 362 11.04 28.43 12.33
N HIS A 363 10.35 27.31 12.21
CA HIS A 363 10.12 26.75 10.88
C HIS A 363 9.08 27.57 10.13
N THR A 364 8.11 28.15 10.83
CA THR A 364 7.04 28.77 10.09
C THR A 364 7.55 30.00 9.43
N PHE A 365 8.38 30.77 10.14
CA PHE A 365 8.83 32.02 9.55
C PHE A 365 10.36 32.18 9.33
N GLY A 366 11.14 31.16 9.62
CA GLY A 366 12.58 31.27 9.49
C GLY A 366 13.20 32.21 10.52
N ALA A 367 12.78 32.03 11.77
CA ALA A 367 13.05 32.99 12.84
C ALA A 367 13.94 32.29 13.84
N ASP A 368 14.78 33.05 14.57
CA ASP A 368 15.70 32.44 15.56
C ASP A 368 14.86 32.03 16.79
N PHE A 369 15.26 31.01 17.54
CA PHE A 369 14.55 30.64 18.79
C PHE A 369 14.34 31.77 19.81
N ARG A 370 15.11 32.83 19.70
CA ARG A 370 15.03 33.93 20.64
C ARG A 370 13.94 34.92 20.19
N ASP A 371 13.58 34.88 18.90
CA ASP A 371 12.66 35.87 18.33
C ASP A 371 11.27 35.94 19.02
N VAL A 372 10.71 34.78 19.33
CA VAL A 372 9.47 34.67 20.05
C VAL A 372 9.64 33.41 20.89
N ARG A 373 9.86 33.57 22.20
CA ARG A 373 10.22 32.42 23.04
C ARG A 373 9.20 32.30 24.19
N GLY A 374 8.85 31.07 24.54
CA GLY A 374 7.90 30.79 25.59
C GLY A 374 8.56 30.30 26.86
N PHE A 375 7.86 30.49 27.96
CA PHE A 375 8.35 30.24 29.31
C PHE A 375 7.17 29.74 30.19
N LEU A 376 7.38 28.67 30.95
CA LEU A 376 6.40 28.20 31.94
C LEU A 376 6.89 28.42 33.41
N ILE A 377 5.97 28.81 34.30
CA ILE A 377 6.32 28.93 35.73
C ILE A 377 5.48 28.01 36.62
N PHE A 397 13.05 25.78 29.28
CA PHE A 397 11.71 26.31 28.93
C PHE A 397 10.86 26.47 30.21
N THR A 398 11.12 25.57 31.16
CA THR A 398 10.31 25.42 32.37
C THR A 398 11.03 26.05 33.61
N PHE A 399 11.11 27.38 33.66
CA PHE A 399 11.92 28.08 34.66
C PHE A 399 11.17 28.48 35.94
N SER A 400 11.94 28.65 37.03
CA SER A 400 11.41 29.05 38.35
C SER A 400 11.28 30.60 38.47
N GLN A 401 10.54 31.07 39.48
CA GLN A 401 10.39 32.52 39.72
C GLN A 401 11.73 33.28 39.74
N GLU A 402 12.59 32.90 40.69
CA GLU A 402 13.91 33.52 40.81
C GLU A 402 14.75 33.18 39.56
N ASP A 403 14.80 31.90 39.16
CA ASP A 403 15.61 31.43 38.01
C ASP A 403 15.40 32.33 36.76
N PHE A 404 14.13 32.59 36.45
CA PHE A 404 13.80 33.56 35.42
C PHE A 404 14.38 34.94 35.80
N LEU A 405 14.11 35.36 37.03
CA LEU A 405 14.65 36.64 37.55
C LEU A 405 16.19 36.75 37.44
N THR A 406 16.95 35.75 37.92
CA THR A 406 18.43 35.83 37.87
C THR A 406 18.95 35.68 36.44
N SER A 407 18.46 34.66 35.73
CA SER A 407 18.97 34.30 34.38
C SER A 407 18.49 35.21 33.23
N ILE A 408 17.18 35.20 32.97
CA ILE A 408 16.65 35.78 31.74
C ILE A 408 16.46 37.30 31.89
N LEU A 409 15.96 37.72 33.04
CA LEU A 409 15.74 39.16 33.30
C LEU A 409 16.89 40.13 32.86
N PRO A 410 18.17 39.83 33.19
CA PRO A 410 19.27 40.74 32.78
C PRO A 410 19.42 41.00 31.26
N SER A 411 19.12 40.00 30.44
CA SER A 411 19.25 40.12 28.98
C SER A 411 18.22 41.07 28.32
N LEU A 412 17.21 41.51 29.08
CA LEU A 412 16.15 42.39 28.56
C LEU A 412 16.63 43.80 28.21
N THR A 413 15.78 44.58 27.54
CA THR A 413 16.18 45.80 26.86
C THR A 413 14.94 46.64 26.48
N GLU A 414 15.12 47.97 26.44
CA GLU A 414 14.05 48.97 26.17
C GLU A 414 13.06 48.60 25.03
N ILE A 415 13.55 47.82 24.04
CA ILE A 415 12.84 47.62 22.77
C ILE A 415 12.07 46.30 22.67
N ASP A 416 12.32 45.39 23.60
CA ASP A 416 11.70 44.07 23.66
C ASP A 416 10.23 44.14 24.11
N THR A 417 9.48 43.08 23.84
CA THR A 417 8.10 42.94 24.31
C THR A 417 7.97 41.68 25.16
N VAL A 418 7.27 41.80 26.30
CA VAL A 418 7.12 40.71 27.27
C VAL A 418 5.64 40.47 27.63
N VAL A 419 5.16 39.24 27.43
CA VAL A 419 3.74 38.94 27.54
C VAL A 419 3.48 37.97 28.67
N PHE A 420 2.56 38.38 29.52
CA PHE A 420 2.21 37.57 30.66
C PHE A 420 0.81 36.99 30.46
N ILE A 421 0.70 35.70 30.79
CA ILE A 421 -0.42 34.88 30.39
C ILE A 421 -0.79 33.98 31.54
N PHE A 422 -1.97 34.26 32.12
CA PHE A 422 -2.30 33.67 33.41
C PHE A 422 -3.79 33.79 33.69
N THR A 423 -4.24 32.99 34.64
CA THR A 423 -5.57 33.09 35.22
C THR A 423 -5.49 33.99 36.47
N LEU A 424 -6.66 34.42 36.96
CA LEU A 424 -6.74 34.96 38.34
C LEU A 424 -6.68 33.84 39.37
N ASP A 425 -6.75 32.59 38.94
CA ASP A 425 -6.66 31.46 39.85
C ASP A 425 -5.23 30.96 40.07
N ASP A 426 -4.23 31.67 39.56
CA ASP A 426 -2.88 31.08 39.44
C ASP A 426 -1.88 31.13 40.64
N ASN A 427 -1.85 32.25 41.37
CA ASN A 427 -0.73 32.65 42.26
C ASN A 427 -0.20 33.96 41.65
N LEU A 428 -0.99 35.01 41.87
CA LEU A 428 -0.70 36.32 41.33
C LEU A 428 0.39 37.08 42.08
N THR A 429 0.91 36.49 43.17
CA THR A 429 2.03 37.06 43.93
C THR A 429 3.35 36.63 43.30
N GLU A 430 3.33 35.47 42.64
CA GLU A 430 4.42 35.04 41.78
C GLU A 430 4.38 35.88 40.51
N VAL A 431 3.15 36.15 40.04
CA VAL A 431 2.95 36.98 38.86
C VAL A 431 3.43 38.41 39.08
N GLN A 432 2.79 39.10 40.02
CA GLN A 432 3.07 40.54 40.21
C GLN A 432 4.57 40.85 40.44
N THR A 433 5.27 39.97 41.17
CA THR A 433 6.74 40.09 41.36
C THR A 433 7.46 40.26 40.03
N ILE A 434 7.22 39.32 39.10
CA ILE A 434 8.06 39.21 37.90
C ILE A 434 7.76 40.36 36.98
N VAL A 435 6.53 40.86 37.02
CA VAL A 435 6.19 42.03 36.22
C VAL A 435 6.83 43.27 36.80
N GLU A 436 6.81 43.34 38.14
CA GLU A 436 7.52 44.41 38.88
C GLU A 436 8.94 44.50 38.35
N GLN A 437 9.65 43.38 38.40
CA GLN A 437 11.04 43.34 37.98
C GLN A 437 11.22 43.62 36.46
N VAL A 438 10.34 43.09 35.60
CA VAL A 438 10.43 43.31 34.13
C VAL A 438 10.12 44.75 33.71
N LYS A 439 9.26 45.41 34.48
CA LYS A 439 9.01 46.83 34.23
C LYS A 439 10.29 47.68 34.31
N GLU A 440 11.18 47.33 35.24
CA GLU A 440 12.48 48.02 35.38
C GLU A 440 13.22 48.02 34.05
N LYS A 441 13.67 46.83 33.65
CA LYS A 441 14.48 46.68 32.43
C LYS A 441 13.59 46.85 31.13
N THR A 442 12.26 46.60 31.16
CA THR A 442 11.38 46.98 29.99
C THR A 442 9.98 47.55 30.30
N ASN A 443 9.47 48.35 29.35
CA ASN A 443 8.12 48.98 29.37
C ASN A 443 6.99 48.38 28.44
N HIS A 444 7.38 47.80 27.29
CA HIS A 444 6.39 47.10 26.45
C HIS A 444 5.99 45.78 27.14
N ILE A 445 4.99 45.79 28.02
CA ILE A 445 4.64 44.54 28.76
C ILE A 445 3.16 44.09 28.79
N GLN A 446 2.37 44.41 27.76
CA GLN A 446 0.94 43.94 27.66
C GLN A 446 0.66 42.56 28.31
N ALA A 447 -0.60 42.20 28.54
CA ALA A 447 -0.89 40.94 29.24
C ALA A 447 -2.25 40.29 28.92
N LEU A 448 -2.36 39.01 29.26
CA LEU A 448 -3.48 38.14 28.81
C LEU A 448 -4.03 37.35 29.99
N ALA A 449 -5.18 37.82 30.49
CA ALA A 449 -5.73 37.32 31.75
C ALA A 449 -7.14 36.75 31.60
N HIS A 450 -7.25 35.47 31.99
CA HIS A 450 -8.50 34.75 31.98
C HIS A 450 -9.13 34.77 33.38
N SER A 451 -10.42 35.10 33.43
CA SER A 451 -11.18 35.14 34.69
C SER A 451 -12.59 34.64 34.49
N THR A 452 -13.08 33.87 35.44
CA THR A 452 -14.54 33.70 35.60
C THR A 452 -15.14 35.02 36.15
N VAL A 453 -16.32 35.42 35.63
CA VAL A 453 -16.95 36.72 35.96
C VAL A 453 -17.01 37.07 37.46
N GLY A 454 -16.75 38.34 37.76
CA GLY A 454 -16.80 38.81 39.14
C GLY A 454 -15.50 38.67 39.89
N GLN A 455 -14.53 37.96 39.31
CA GLN A 455 -13.18 37.94 39.87
C GLN A 455 -12.58 39.33 39.62
N THR A 456 -11.74 39.81 40.53
CA THR A 456 -11.11 41.14 40.37
C THR A 456 -9.62 41.02 40.41
N LEU A 457 -8.99 41.93 39.69
CA LEU A 457 -7.58 41.94 39.47
C LEU A 457 -6.89 42.71 40.64
N PRO A 458 -6.27 41.98 41.62
CA PRO A 458 -5.57 42.62 42.74
C PRO A 458 -4.58 43.69 42.31
N ILE A 459 -4.30 44.64 43.21
CA ILE A 459 -3.62 45.91 42.89
C ILE A 459 -4.47 46.62 41.82
N PRO A 460 -5.42 47.50 42.25
CA PRO A 460 -6.17 48.40 41.32
C PRO A 460 -5.24 49.39 40.55
N LEU A 461 -4.07 49.60 41.15
CA LEU A 461 -2.87 50.09 40.45
C LEU A 461 -2.11 48.95 39.73
N LYS A 462 -2.83 47.93 39.26
CA LYS A 462 -2.34 47.08 38.18
C LYS A 462 -2.58 47.85 36.89
N LYS A 463 -2.11 49.09 36.92
CA LYS A 463 -1.82 49.85 35.74
C LYS A 463 -0.30 49.82 35.61
N LEU A 464 0.28 48.77 36.22
CA LEU A 464 1.40 48.02 35.60
C LEU A 464 0.88 47.65 34.19
N PHE A 465 -0.33 47.10 34.14
CA PHE A 465 -1.04 46.91 32.86
C PHE A 465 -2.20 47.91 32.65
N PRO A 466 -1.93 49.07 32.03
CA PRO A 466 -3.06 49.95 31.68
C PRO A 466 -4.15 49.20 30.88
N SER A 467 -3.83 48.77 29.66
CA SER A 467 -4.84 48.18 28.75
C SER A 467 -4.77 46.64 28.58
N ILE A 468 -4.87 45.91 29.71
CA ILE A 468 -4.92 44.43 29.70
C ILE A 468 -5.80 43.81 28.61
N ILE A 469 -5.53 42.52 28.35
CA ILE A 469 -6.45 41.69 27.60
C ILE A 469 -7.15 40.79 28.62
N SER A 470 -8.28 41.30 29.09
CA SER A 470 -9.12 40.60 30.03
C SER A 470 -10.06 39.80 29.17
N ILE A 471 -9.97 38.49 29.35
CA ILE A 471 -10.97 37.62 28.82
C ILE A 471 -11.72 37.09 30.02
N THR A 472 -12.99 37.52 30.11
CA THR A 472 -13.87 37.10 31.16
C THR A 472 -14.90 36.07 30.65
N TRP A 473 -14.90 34.93 31.31
CA TRP A 473 -15.74 33.81 31.00
C TRP A 473 -17.01 33.79 31.89
N PRO A 474 -18.18 33.54 31.30
CA PRO A 474 -19.38 33.16 32.02
C PRO A 474 -19.16 32.09 33.09
N LEU A 475 -20.17 31.92 33.96
CA LEU A 475 -20.24 30.76 34.84
C LEU A 475 -20.90 29.62 34.05
N LEU A 476 -20.26 28.46 34.02
CA LEU A 476 -20.84 27.26 33.41
C LEU A 476 -20.95 26.17 34.48
N PHE A 477 -21.85 25.21 34.26
CA PHE A 477 -22.02 24.10 35.21
C PHE A 477 -21.03 23.00 34.86
N PHE A 478 -20.18 22.66 35.83
CA PHE A 478 -19.12 21.67 35.66
C PHE A 478 -19.19 20.70 36.83
N GLU A 479 -19.38 19.42 36.55
CA GLU A 479 -19.48 18.45 37.63
C GLU A 479 -18.10 17.82 37.89
N TYR A 480 -17.18 17.92 36.93
CA TYR A 480 -15.85 17.36 37.14
C TYR A 480 -14.88 18.24 37.90
N GLU A 481 -13.90 17.55 38.44
CA GLU A 481 -13.02 18.02 39.51
C GLU A 481 -12.30 19.35 39.19
N GLY A 482 -11.34 19.33 38.25
CA GLY A 482 -10.52 20.51 37.87
C GLY A 482 -11.09 21.45 36.82
N ASN A 483 -12.43 21.39 36.61
CA ASN A 483 -13.19 22.22 35.61
C ASN A 483 -12.57 22.20 34.18
N PHE A 484 -12.67 21.04 33.56
CA PHE A 484 -11.95 20.79 32.32
C PHE A 484 -12.45 21.66 31.15
N ILE A 485 -13.75 21.94 31.10
CA ILE A 485 -14.32 22.79 30.07
C ILE A 485 -13.78 24.19 30.16
N GLN A 486 -13.50 24.63 31.39
CA GLN A 486 -12.85 25.93 31.59
C GLN A 486 -11.38 25.90 31.12
N LYS A 487 -10.70 24.80 31.37
CA LYS A 487 -9.30 24.68 30.96
C LYS A 487 -9.28 24.76 29.43
N PHE A 488 -10.12 23.92 28.81
CA PHE A 488 -10.15 23.79 27.34
C PHE A 488 -10.46 25.08 26.67
N GLN A 489 -11.45 25.80 27.18
CA GLN A 489 -11.81 27.13 26.64
C GLN A 489 -10.63 28.01 26.66
N ARG A 490 -9.93 27.99 27.77
CA ARG A 490 -8.89 29.01 27.99
C ARG A 490 -7.62 28.74 27.14
N GLU A 491 -7.16 27.51 27.20
CA GLU A 491 -6.15 27.00 26.24
C GLU A 491 -6.48 27.42 24.78
N LEU A 492 -7.68 27.09 24.29
CA LEU A 492 -8.03 27.45 22.88
C LEU A 492 -7.94 28.93 22.62
N SER A 493 -8.48 29.72 23.55
CA SER A 493 -8.49 31.18 23.38
C SER A 493 -7.06 31.71 23.41
N THR A 494 -6.25 31.21 24.33
CA THR A 494 -4.81 31.63 24.33
C THR A 494 -4.14 31.23 23.00
N LYS A 495 -4.31 29.96 22.62
CA LYS A 495 -3.81 29.50 21.30
C LYS A 495 -4.14 30.47 20.21
N TRP A 496 -5.42 30.82 20.10
CA TRP A 496 -5.84 31.74 19.07
C TRP A 496 -5.20 33.11 19.14
N VAL A 497 -4.99 33.61 20.35
CA VAL A 497 -4.43 34.96 20.47
C VAL A 497 -2.98 34.87 20.12
N LEU A 498 -2.31 33.91 20.68
CA LEU A 498 -0.89 33.82 20.37
C LEU A 498 -0.63 33.55 18.90
N ASN A 499 -1.29 32.54 18.31
CA ASN A 499 -1.18 32.27 16.85
C ASN A 499 -1.41 33.53 16.00
N THR A 500 -2.48 34.30 16.31
CA THR A 500 -2.81 35.47 15.50
C THR A 500 -1.75 36.56 15.69
N VAL A 501 -1.23 36.64 16.91
CA VAL A 501 -0.18 37.60 17.20
C VAL A 501 1.12 37.15 16.54
N SER A 502 1.56 35.91 16.81
CA SER A 502 2.88 35.51 16.24
C SER A 502 2.83 35.66 14.76
N THR A 503 1.70 35.25 14.16
CA THR A 503 1.59 35.24 12.70
C THR A 503 1.43 36.63 12.14
N GLY A 504 0.55 37.43 12.75
CA GLY A 504 0.39 38.81 12.27
C GLY A 504 1.70 39.59 12.39
N ALA A 505 2.39 39.45 13.51
CA ALA A 505 3.64 40.20 13.69
C ALA A 505 4.55 39.98 12.47
N HIS A 506 4.67 38.74 11.98
CA HIS A 506 5.56 38.44 10.83
C HIS A 506 5.06 38.90 9.47
N VAL A 507 3.75 38.94 9.28
CA VAL A 507 3.21 39.41 8.02
C VAL A 507 3.50 40.91 7.87
N LEU A 508 3.35 41.61 8.99
CA LEU A 508 3.57 43.07 9.01
C LEU A 508 4.98 43.44 8.55
N LEU A 509 5.94 42.54 8.82
CA LEU A 509 7.33 42.68 8.41
C LEU A 509 7.59 42.34 6.97
N GLY A 510 6.53 41.99 6.23
CA GLY A 510 6.66 41.70 4.80
C GLY A 510 7.29 40.35 4.45
N LYS A 511 7.33 39.43 5.41
CA LYS A 511 7.87 38.07 5.20
C LYS A 511 6.92 37.08 4.48
N ILE A 512 5.68 37.50 4.24
CA ILE A 512 4.64 36.65 3.63
C ILE A 512 4.32 37.24 2.28
N LEU A 513 4.15 36.37 1.28
CA LEU A 513 3.89 36.82 -0.07
C LEU A 513 2.41 36.51 -0.48
N GLN A 514 1.58 37.56 -0.51
CA GLN A 514 0.10 37.44 -0.57
C GLN A 514 -0.39 36.68 0.70
N ASN A 515 -0.75 35.39 0.60
CA ASN A 515 -0.96 34.53 1.78
C ASN A 515 -0.14 33.23 1.79
N HIS A 516 1.03 33.34 1.19
CA HIS A 516 1.97 32.24 1.09
C HIS A 516 3.28 32.63 1.80
N MET A 517 3.87 31.65 2.49
CA MET A 517 5.24 31.78 2.98
C MET A 517 6.18 31.16 1.94
N LEU A 518 6.59 31.99 0.99
CA LEU A 518 7.47 31.55 -0.12
C LEU A 518 8.84 31.02 0.30
N ASP A 519 9.44 31.63 1.29
CA ASP A 519 10.82 31.40 1.66
C ASP A 519 10.91 30.51 2.85
N LEU A 520 10.21 29.39 2.80
CA LEU A 520 10.35 28.39 3.84
C LEU A 520 11.56 27.51 3.63
N ARG A 521 11.90 26.79 4.69
CA ARG A 521 12.97 25.85 4.73
C ARG A 521 12.39 24.50 4.43
N ILE A 522 12.88 23.86 3.39
CA ILE A 522 12.38 22.54 3.02
C ILE A 522 12.93 21.50 4.00
N SER A 523 12.11 21.07 4.95
CA SER A 523 12.62 20.12 5.95
C SER A 523 11.89 18.80 6.01
N ASN A 524 10.94 18.62 5.10
CA ASN A 524 10.26 17.33 4.91
C ASN A 524 9.64 17.30 3.52
N SER A 525 9.12 16.15 3.12
CA SER A 525 8.60 15.91 1.79
C SER A 525 7.36 16.81 1.46
N LYS A 526 6.47 16.96 2.41
CA LYS A 526 5.35 17.89 2.24
C LYS A 526 5.76 19.37 1.91
N LEU A 527 6.76 19.85 2.61
CA LEU A 527 7.31 21.17 2.38
C LEU A 527 7.96 21.21 1.02
N PHE A 528 8.60 20.10 0.64
CA PHE A 528 9.21 20.05 -0.67
C PHE A 528 8.10 20.18 -1.71
N TRP A 529 6.98 19.51 -1.50
CA TRP A 529 5.87 19.64 -2.46
C TRP A 529 5.24 20.99 -2.42
N ARG A 530 5.11 21.57 -1.21
CA ARG A 530 4.56 22.93 -1.10
C ARG A 530 5.49 23.89 -1.85
N ALA A 531 6.81 23.69 -1.74
CA ALA A 531 7.73 24.58 -2.47
C ALA A 531 7.49 24.45 -3.95
N LEU A 532 7.38 23.23 -4.43
CA LEU A 532 7.17 23.02 -5.87
C LEU A 532 5.86 23.70 -6.31
N ALA A 533 4.79 23.50 -5.57
CA ALA A 533 3.54 24.23 -5.85
C ALA A 533 3.62 25.75 -5.88
N MET A 534 4.38 26.31 -4.94
CA MET A 534 4.51 27.77 -4.94
C MET A 534 5.26 28.19 -6.20
N LEU A 535 6.28 27.44 -6.61
CA LEU A 535 6.92 27.74 -7.88
C LEU A 535 5.92 27.70 -9.04
N GLN A 536 5.06 26.71 -9.11
CA GLN A 536 4.10 26.69 -10.24
C GLN A 536 3.14 27.87 -10.18
N ARG A 537 2.64 28.19 -8.99
CA ARG A 537 1.69 29.26 -8.84
C ARG A 537 2.26 30.66 -9.15
N PHE A 538 3.48 30.94 -8.76
CA PHE A 538 4.04 32.28 -8.92
C PHE A 538 4.76 32.45 -10.28
N SER A 539 5.38 31.40 -10.82
CA SER A 539 6.03 31.51 -12.16
C SER A 539 5.07 31.30 -13.32
N GLY A 540 4.18 30.33 -13.17
CA GLY A 540 3.22 30.03 -14.23
C GLY A 540 3.79 29.02 -15.21
N GLN A 541 5.00 28.55 -14.96
CA GLN A 541 5.78 27.76 -15.92
C GLN A 541 5.59 26.27 -15.66
N SER A 542 6.10 25.45 -16.57
CA SER A 542 5.74 24.06 -16.60
C SER A 542 6.27 23.31 -15.37
N LYS A 543 5.75 22.12 -15.18
CA LYS A 543 6.15 21.25 -14.10
C LYS A 543 7.60 20.86 -14.19
N ALA A 544 8.06 20.61 -15.40
CA ALA A 544 9.46 20.16 -15.66
C ALA A 544 10.45 21.29 -15.36
N ARG A 545 10.10 22.49 -15.75
CA ARG A 545 10.92 23.65 -15.48
C ARG A 545 10.92 24.00 -13.99
N CYS A 546 9.77 23.94 -13.35
CA CYS A 546 9.71 24.27 -11.94
C CYS A 546 10.55 23.27 -11.18
N ILE A 547 10.34 21.99 -11.45
CA ILE A 547 11.12 20.95 -10.80
C ILE A 547 12.60 21.15 -11.01
N GLU A 548 12.97 21.44 -12.25
CA GLU A 548 14.41 21.56 -12.58
C GLU A 548 15.02 22.71 -11.84
N SER A 549 14.30 23.81 -11.81
CA SER A 549 14.85 24.96 -11.14
C SER A 549 15.00 24.72 -9.59
N LEU A 550 14.04 24.00 -8.98
CA LEU A 550 14.11 23.67 -7.54
C LEU A 550 15.28 22.76 -7.23
N LEU A 551 15.45 21.71 -8.02
CA LEU A 551 16.55 20.80 -7.78
C LEU A 551 17.90 21.44 -8.05
N ARG A 552 18.01 22.21 -9.11
CA ARG A 552 19.23 23.00 -9.35
C ARG A 552 19.52 23.90 -8.10
N ALA A 553 18.52 24.66 -7.65
CA ALA A 553 18.68 25.50 -6.44
C ALA A 553 19.11 24.70 -5.22
N ILE A 554 18.50 23.54 -5.00
CA ILE A 554 18.87 22.76 -3.83
C ILE A 554 20.29 22.24 -3.92
N HIS A 555 20.65 21.72 -5.09
CA HIS A 555 21.90 20.99 -5.18
C HIS A 555 23.07 21.81 -5.69
N PHE A 556 22.83 23.04 -6.11
CA PHE A 556 23.92 23.97 -6.49
C PHE A 556 24.95 23.90 -5.42
N PRO A 557 26.24 23.80 -5.78
CA PRO A 557 26.87 23.93 -7.10
C PRO A 557 26.94 22.66 -8.00
N GLN A 558 26.41 21.53 -7.55
CA GLN A 558 26.33 20.37 -8.39
C GLN A 558 25.25 20.60 -9.46
N PRO A 559 25.55 20.25 -10.72
CA PRO A 559 24.55 20.23 -11.79
C PRO A 559 23.58 19.06 -11.66
N LEU A 560 22.45 19.16 -12.34
CA LEU A 560 21.54 18.03 -12.49
C LEU A 560 22.13 16.79 -13.19
N SER A 561 22.26 15.71 -12.46
CA SER A 561 22.61 14.42 -13.03
C SER A 561 21.37 13.57 -13.05
N ASP A 562 21.47 12.39 -13.65
CA ASP A 562 20.35 11.47 -13.70
C ASP A 562 20.11 10.87 -12.28
N ASP A 563 21.16 10.63 -11.51
CA ASP A 563 21.07 10.16 -10.12
C ASP A 563 20.23 11.20 -9.31
N ILE A 564 20.54 12.49 -9.49
CA ILE A 564 19.91 13.51 -8.69
C ILE A 564 18.49 13.56 -9.09
N ARG A 565 18.21 13.55 -10.38
CA ARG A 565 16.83 13.56 -10.83
C ARG A 565 15.96 12.41 -10.27
N ALA A 566 16.60 11.27 -10.09
CA ALA A 566 15.92 10.04 -9.75
C ALA A 566 15.93 9.83 -8.26
N ALA A 567 16.61 10.70 -7.51
CA ALA A 567 16.72 10.46 -6.09
C ALA A 567 15.35 10.47 -5.36
N PRO A 568 15.26 9.73 -4.24
CA PRO A 568 14.14 9.91 -3.35
C PRO A 568 14.05 11.36 -2.89
N ILE A 569 12.84 11.82 -2.68
CA ILE A 569 12.64 13.17 -2.24
C ILE A 569 13.38 13.44 -0.93
N SER A 570 13.58 12.41 -0.10
CA SER A 570 14.36 12.63 1.15
C SER A 570 15.78 13.14 0.92
N CYS A 571 16.37 12.81 -0.23
CA CYS A 571 17.72 13.31 -0.54
C CYS A 571 17.64 14.82 -0.85
N HIS A 572 16.63 15.24 -1.59
CA HIS A 572 16.49 16.67 -1.84
C HIS A 572 16.27 17.42 -0.54
N VAL A 573 15.37 16.90 0.28
CA VAL A 573 15.07 17.50 1.57
C VAL A 573 16.36 17.62 2.44
N GLN A 574 17.13 16.57 2.52
CA GLN A 574 18.26 16.58 3.43
C GLN A 574 19.28 17.64 3.02
N VAL A 575 19.41 17.91 1.71
CA VAL A 575 20.29 18.98 1.22
C VAL A 575 19.67 20.37 1.38
N ALA A 576 18.41 20.55 1.00
CA ALA A 576 17.72 21.88 1.17
C ALA A 576 17.59 22.31 2.63
N HIS A 577 17.37 21.37 3.54
CA HIS A 577 17.19 21.75 4.91
C HIS A 577 18.33 22.64 5.39
N GLU A 578 19.53 22.37 4.86
CA GLU A 578 20.73 23.04 5.31
C GLU A 578 20.96 24.39 4.65
N LYS A 579 20.18 24.77 3.64
CA LYS A 579 20.39 26.07 2.97
C LYS A 579 19.36 27.18 3.24
N GLU A 580 19.67 28.36 2.71
CA GLU A 580 18.93 29.61 2.85
C GLU A 580 18.38 30.04 1.51
N GLN A 581 17.16 30.55 1.48
CA GLN A 581 16.64 31.16 0.28
C GLN A 581 16.57 30.18 -0.93
N VAL A 582 16.59 28.89 -0.69
CA VAL A 582 16.33 27.96 -1.76
C VAL A 582 15.19 28.39 -2.65
N ILE A 583 14.02 28.62 -2.08
CA ILE A 583 12.88 28.83 -2.95
C ILE A 583 12.90 30.12 -3.72
N PRO A 584 13.22 31.19 -3.05
CA PRO A 584 13.31 32.44 -3.83
C PRO A 584 14.35 32.38 -4.99
N ILE A 585 15.49 31.74 -4.76
CA ILE A 585 16.50 31.56 -5.84
C ILE A 585 15.92 30.80 -7.02
N ALA A 586 15.19 29.73 -6.70
CA ALA A 586 14.57 28.89 -7.72
C ALA A 586 13.57 29.69 -8.52
N LEU A 587 12.87 30.59 -7.84
CA LEU A 587 11.84 31.35 -8.50
C LEU A 587 12.47 32.44 -9.35
N LEU A 588 13.55 33.06 -8.86
CA LEU A 588 14.19 34.08 -9.66
C LEU A 588 14.78 33.44 -10.95
N SER A 589 15.49 32.33 -10.80
CA SER A 589 15.97 31.59 -11.95
C SER A 589 14.90 31.43 -13.01
N LEU A 590 13.69 31.10 -12.62
CA LEU A 590 12.60 30.88 -13.55
C LEU A 590 12.08 32.18 -14.14
N LEU A 591 11.87 33.18 -13.29
CA LEU A 591 11.29 34.45 -13.76
C LEU A 591 12.20 35.14 -14.75
N PHE A 592 13.49 35.21 -14.40
CA PHE A 592 14.48 35.80 -15.29
C PHE A 592 14.95 34.86 -16.43
N ARG A 593 14.44 33.64 -16.41
CA ARG A 593 14.88 32.60 -17.31
C ARG A 593 16.35 32.41 -17.29
N CYS A 594 16.94 32.46 -16.10
CA CYS A 594 18.41 32.48 -15.90
C CYS A 594 18.97 31.35 -15.06
N SER A 595 20.29 31.29 -14.97
CA SER A 595 20.98 30.29 -14.17
C SER A 595 20.90 30.58 -12.66
N ILE A 596 21.29 29.59 -11.87
CA ILE A 596 21.36 29.73 -10.42
C ILE A 596 22.47 30.73 -10.05
N THR A 597 23.53 30.76 -10.83
CA THR A 597 24.66 31.64 -10.56
C THR A 597 24.19 33.10 -10.72
N GLU A 598 23.42 33.33 -11.79
CA GLU A 598 22.87 34.62 -12.12
C GLU A 598 21.79 35.04 -11.14
N ALA A 599 21.05 34.09 -10.59
CA ALA A 599 19.94 34.44 -9.74
C ALA A 599 20.46 34.73 -8.34
N GLN A 600 21.43 33.96 -7.85
CA GLN A 600 22.12 34.27 -6.60
C GLN A 600 22.84 35.62 -6.59
N ALA A 601 23.36 36.03 -7.73
CA ALA A 601 24.11 37.28 -7.83
C ALA A 601 23.12 38.43 -7.84
N HIS A 602 21.97 38.21 -8.47
CA HIS A 602 20.90 39.20 -8.46
C HIS A 602 20.33 39.34 -7.05
N LEU A 603 20.12 38.23 -6.39
CA LEU A 603 19.56 38.26 -5.05
C LEU A 603 20.48 39.03 -4.10
N ALA A 604 21.79 38.78 -4.16
CA ALA A 604 22.79 39.62 -3.48
C ALA A 604 22.77 41.11 -3.91
N ALA A 605 22.49 41.43 -5.15
CA ALA A 605 22.39 42.83 -5.59
C ALA A 605 21.18 43.57 -4.96
N ALA A 606 20.14 42.84 -4.61
CA ALA A 606 18.96 43.49 -4.08
C ALA A 606 19.11 43.82 -2.57
N PRO A 607 18.39 44.86 -2.13
CA PRO A 607 18.34 45.22 -0.70
C PRO A 607 17.77 44.12 0.22
N SER A 608 16.74 43.41 -0.25
CA SER A 608 16.17 42.27 0.52
C SER A 608 15.56 41.18 -0.37
N VAL A 609 15.54 39.96 0.18
CA VAL A 609 14.89 38.81 -0.47
C VAL A 609 13.49 39.20 -0.99
N CYS A 610 12.68 39.73 -0.08
CA CYS A 610 11.28 40.15 -0.36
C CYS A 610 11.20 41.17 -1.50
N GLU A 611 12.15 42.10 -1.49
CA GLU A 611 12.20 43.16 -2.49
C GLU A 611 12.70 42.55 -3.79
N ALA A 612 13.75 41.74 -3.72
CA ALA A 612 14.20 40.99 -4.92
C ALA A 612 13.03 40.26 -5.57
N VAL A 613 12.23 39.53 -4.78
CA VAL A 613 11.20 38.64 -5.31
C VAL A 613 10.03 39.42 -5.84
N ARG A 614 9.53 40.33 -5.02
CA ARG A 614 8.38 41.17 -5.40
C ARG A 614 8.62 42.02 -6.66
N SER A 615 9.79 42.65 -6.72
CA SER A 615 10.11 43.48 -7.86
C SER A 615 10.37 42.57 -9.06
N ALA A 616 10.95 41.38 -8.85
CA ALA A 616 10.96 40.37 -9.97
C ALA A 616 9.55 39.88 -10.39
N LEU A 617 8.63 39.80 -9.43
CA LEU A 617 7.25 39.43 -9.77
C LEU A 617 6.48 40.53 -10.53
N ALA A 618 6.97 41.78 -10.52
CA ALA A 618 6.29 42.92 -11.21
C ALA A 618 6.18 42.84 -12.77
N MET B 13 -21.32 6.92 -8.01
CA MET B 13 -22.33 5.82 -7.84
C MET B 13 -21.74 4.76 -6.91
N PRO B 14 -22.58 3.83 -6.39
CA PRO B 14 -22.07 2.61 -5.72
C PRO B 14 -21.46 1.59 -6.72
N GLY B 15 -20.34 1.00 -6.34
CA GLY B 15 -19.51 0.18 -7.24
C GLY B 15 -18.39 0.98 -7.90
N THR B 16 -18.45 2.30 -7.82
CA THR B 16 -17.42 3.10 -8.51
C THR B 16 -16.03 2.83 -7.94
N LYS B 17 -15.90 2.77 -6.61
CA LYS B 17 -14.61 2.41 -6.03
C LYS B 17 -14.18 1.00 -6.46
N ARG B 18 -15.09 0.02 -6.44
CA ARG B 18 -14.68 -1.37 -6.70
C ARG B 18 -14.23 -1.60 -8.12
N PHE B 19 -14.65 -0.75 -9.07
CA PHE B 19 -14.47 -1.02 -10.49
C PHE B 19 -13.71 0.07 -11.17
N GLN B 20 -13.04 0.91 -10.40
CA GLN B 20 -12.31 2.07 -10.94
C GLN B 20 -11.11 1.63 -11.76
N HIS B 21 -10.45 0.56 -11.35
CA HIS B 21 -9.32 0.05 -12.11
C HIS B 21 -9.68 -0.55 -13.52
N VAL B 22 -10.95 -0.91 -13.74
CA VAL B 22 -11.33 -1.59 -14.98
C VAL B 22 -11.32 -0.59 -16.10
N ILE B 23 -10.61 -0.92 -17.17
CA ILE B 23 -10.48 -0.08 -18.33
C ILE B 23 -11.69 -0.30 -19.25
N GLU B 24 -12.14 0.80 -19.86
CA GLU B 24 -13.34 0.80 -20.72
C GLU B 24 -13.18 -0.13 -21.91
N THR B 25 -14.27 -0.71 -22.36
CA THR B 25 -14.21 -1.56 -23.49
C THR B 25 -13.92 -0.63 -24.66
N PRO B 26 -12.95 -0.96 -25.49
CA PRO B 26 -12.70 -0.13 -26.65
C PRO B 26 -13.87 -0.27 -27.60
N GLU B 27 -13.88 0.44 -28.74
CA GLU B 27 -14.90 0.23 -29.76
C GLU B 27 -14.24 -0.44 -30.91
N PRO B 28 -15.03 -1.05 -31.81
CA PRO B 28 -14.42 -1.95 -32.80
C PRO B 28 -13.28 -1.29 -33.57
N GLY B 29 -12.25 -2.05 -33.90
CA GLY B 29 -11.08 -1.49 -34.57
C GLY B 29 -10.14 -0.71 -33.67
N LYS B 30 -10.63 -0.12 -32.57
CA LYS B 30 -9.78 0.69 -31.71
C LYS B 30 -9.16 -0.03 -30.48
N TRP B 31 -9.03 -1.35 -30.49
CA TRP B 31 -8.48 -2.02 -29.29
C TRP B 31 -7.01 -1.62 -29.03
N GLU B 32 -6.18 -1.59 -30.08
CA GLU B 32 -4.78 -1.14 -29.99
C GLU B 32 -4.68 0.33 -29.66
N LEU B 33 -5.42 1.12 -30.43
CA LEU B 33 -5.35 2.59 -30.43
C LEU B 33 -5.85 3.12 -29.10
N SER B 34 -6.90 2.48 -28.58
CA SER B 34 -7.40 2.82 -27.24
C SER B 34 -6.35 2.74 -26.15
N GLY B 35 -5.31 1.89 -26.32
CA GLY B 35 -4.33 1.58 -25.24
C GLY B 35 -4.76 0.37 -24.38
N TYR B 36 -5.86 -0.28 -24.72
CA TYR B 36 -6.38 -1.39 -23.89
C TYR B 36 -5.40 -2.60 -23.97
N GLU B 37 -5.05 -3.04 -25.17
CA GLU B 37 -4.07 -4.12 -25.39
C GLU B 37 -2.76 -3.91 -24.68
N ALA B 38 -2.28 -2.68 -24.72
CA ALA B 38 -0.96 -2.39 -24.14
C ALA B 38 -1.06 -2.56 -22.65
N ALA B 39 -2.24 -2.36 -22.08
CA ALA B 39 -2.42 -2.52 -20.63
C ALA B 39 -2.76 -3.99 -20.23
N VAL B 40 -3.11 -4.85 -21.18
CA VAL B 40 -3.31 -6.25 -20.86
C VAL B 40 -1.98 -6.87 -20.51
N PRO B 41 -1.88 -7.46 -19.31
CA PRO B 41 -0.59 -8.05 -18.91
C PRO B 41 -0.13 -9.22 -19.79
N ILE B 42 1.19 -9.38 -19.97
CA ILE B 42 1.68 -10.47 -20.88
C ILE B 42 1.01 -11.76 -20.47
N THR B 43 0.97 -12.00 -19.15
CA THR B 43 0.47 -13.26 -18.61
C THR B 43 -0.98 -13.50 -18.97
N GLU B 44 -1.73 -12.44 -19.29
CA GLU B 44 -3.17 -12.60 -19.64
C GLU B 44 -3.48 -12.51 -21.11
N LYS B 45 -2.54 -12.08 -21.92
CA LYS B 45 -2.88 -11.83 -23.32
C LYS B 45 -3.24 -13.09 -24.00
N SER B 46 -3.97 -12.94 -25.12
CA SER B 46 -4.17 -13.98 -26.13
C SER B 46 -2.88 -14.16 -26.87
N ASN B 47 -2.43 -15.40 -27.05
CA ASN B 47 -1.22 -15.62 -27.79
C ASN B 47 -1.57 -15.67 -29.27
N PRO B 48 -1.00 -14.77 -30.07
CA PRO B 48 -1.39 -14.83 -31.52
C PRO B 48 -1.11 -16.21 -32.15
N LEU B 49 -0.13 -16.93 -31.68
CA LEU B 49 0.06 -18.27 -32.23
C LEU B 49 -1.22 -19.10 -32.13
N THR B 50 -2.00 -18.91 -31.06
CA THR B 50 -3.06 -19.84 -30.71
C THR B 50 -4.47 -19.31 -30.98
N GLN B 51 -4.55 -18.21 -31.73
CA GLN B 51 -5.85 -17.61 -32.08
C GLN B 51 -6.93 -18.60 -32.56
N ASP B 52 -6.49 -19.62 -33.29
CA ASP B 52 -7.41 -20.60 -33.85
C ASP B 52 -7.13 -21.96 -33.23
N LEU B 53 -6.79 -22.01 -31.94
CA LEU B 53 -6.53 -23.31 -31.31
C LEU B 53 -7.77 -24.19 -31.33
N ASP B 54 -8.96 -23.58 -31.21
CA ASP B 54 -10.23 -24.31 -31.17
C ASP B 54 -10.57 -24.93 -32.51
N LYS B 55 -9.75 -24.67 -33.53
CA LYS B 55 -9.93 -25.23 -34.86
C LYS B 55 -8.80 -26.18 -35.28
N ALA B 56 -7.75 -26.28 -34.46
CA ALA B 56 -6.56 -27.02 -34.83
C ALA B 56 -6.78 -28.50 -34.49
N ASP B 57 -6.14 -29.38 -35.26
CA ASP B 57 -6.18 -30.82 -34.97
C ASP B 57 -5.10 -31.18 -33.97
N ALA B 58 -5.09 -32.42 -33.50
CA ALA B 58 -4.19 -32.81 -32.46
C ALA B 58 -2.72 -32.52 -32.78
N GLU B 59 -2.27 -32.84 -33.98
CA GLU B 59 -0.86 -32.63 -34.34
C GLU B 59 -0.56 -31.11 -34.36
N ASN B 60 -1.52 -30.33 -34.83
CA ASN B 60 -1.40 -28.91 -34.83
C ASN B 60 -1.37 -28.33 -33.40
N ILE B 61 -2.24 -28.83 -32.53
CA ILE B 61 -2.18 -28.45 -31.11
C ILE B 61 -0.81 -28.71 -30.50
N VAL B 62 -0.26 -29.90 -30.70
CA VAL B 62 1.12 -30.15 -30.20
C VAL B 62 2.17 -29.13 -30.78
N ARG B 63 2.03 -28.81 -32.07
CA ARG B 63 2.99 -28.00 -32.75
C ARG B 63 2.94 -26.61 -32.06
N LEU B 64 1.75 -26.04 -32.00
CA LEU B 64 1.53 -24.72 -31.44
C LEU B 64 1.98 -24.57 -29.97
N LEU B 65 1.59 -25.51 -29.12
CA LEU B 65 1.99 -25.38 -27.70
C LEU B 65 3.47 -25.54 -27.53
N GLY B 66 4.03 -26.43 -28.36
CA GLY B 66 5.47 -26.59 -28.43
C GLY B 66 6.12 -25.26 -28.74
N GLN B 67 5.60 -24.56 -29.72
CA GLN B 67 6.15 -23.22 -30.03
C GLN B 67 5.92 -22.19 -28.87
N CYS B 68 4.72 -22.21 -28.23
CA CYS B 68 4.45 -21.32 -27.09
C CYS B 68 5.48 -21.56 -26.03
N ASP B 69 5.81 -22.81 -25.79
CA ASP B 69 6.82 -23.16 -24.77
C ASP B 69 8.24 -22.77 -25.19
N ALA B 70 8.54 -22.88 -26.49
CA ALA B 70 9.84 -22.39 -26.98
C ALA B 70 10.04 -20.91 -26.66
N GLU B 71 8.94 -20.13 -26.60
CA GLU B 71 8.99 -18.68 -26.34
C GLU B 71 9.72 -18.37 -25.04
N ILE B 72 9.69 -19.31 -24.11
CA ILE B 72 10.44 -19.17 -22.85
C ILE B 72 11.91 -18.84 -23.05
N PHE B 73 12.52 -19.38 -24.12
CA PHE B 73 13.99 -19.29 -24.33
C PHE B 73 14.38 -18.33 -25.45
N GLN B 74 13.39 -17.90 -26.19
CA GLN B 74 13.59 -16.84 -27.18
C GLN B 74 14.27 -15.55 -26.63
N GLU B 75 15.27 -15.02 -27.36
CA GLU B 75 16.01 -13.84 -26.88
C GLU B 75 15.31 -12.53 -27.19
N GLU B 76 15.64 -11.52 -26.38
CA GLU B 76 15.20 -10.15 -26.59
C GLU B 76 15.64 -9.67 -27.98
N GLY B 77 14.70 -9.18 -28.78
CA GLY B 77 14.99 -8.54 -30.07
C GLY B 77 15.32 -7.05 -29.93
N GLN B 78 14.81 -6.23 -30.87
CA GLN B 78 15.04 -4.77 -30.90
C GLN B 78 13.82 -3.98 -31.44
N SER B 81 11.44 -0.61 -26.88
CA SER B 81 10.36 -1.26 -27.62
C SER B 81 9.98 -2.66 -27.08
N THR B 82 10.88 -3.25 -26.28
CA THR B 82 10.86 -4.69 -26.06
C THR B 82 11.17 -5.09 -24.60
N TYR B 83 10.55 -6.18 -24.13
CA TYR B 83 10.68 -6.60 -22.70
C TYR B 83 11.90 -7.48 -22.44
N GLN B 84 12.50 -7.27 -21.30
CA GLN B 84 13.60 -8.08 -20.82
C GLN B 84 13.22 -9.63 -20.79
N ARG B 85 14.15 -10.51 -21.17
CA ARG B 85 13.86 -11.93 -21.37
C ARG B 85 14.83 -12.81 -20.61
N LEU B 86 14.60 -14.13 -20.64
CA LEU B 86 15.37 -15.07 -19.82
C LEU B 86 16.90 -14.96 -19.98
N TYR B 87 17.34 -14.82 -21.22
CA TYR B 87 18.78 -14.75 -21.58
C TYR B 87 19.35 -13.32 -21.55
N SER B 88 18.49 -12.34 -21.26
CA SER B 88 18.90 -10.96 -21.23
C SER B 88 19.79 -10.79 -20.03
N GLU B 89 20.65 -9.81 -20.17
CA GLU B 89 21.80 -9.65 -19.33
C GLU B 89 21.39 -9.17 -17.91
N SER B 90 20.39 -8.26 -17.86
CA SER B 90 19.87 -7.83 -16.58
C SER B 90 19.29 -9.05 -15.82
N ILE B 91 18.61 -9.96 -16.54
CA ILE B 91 18.01 -11.12 -15.89
C ILE B 91 19.08 -12.09 -15.35
N LEU B 92 20.04 -12.44 -16.22
CA LEU B 92 21.18 -13.30 -15.81
C LEU B 92 21.96 -12.69 -14.67
N THR B 93 22.17 -11.40 -14.69
CA THR B 93 22.77 -10.72 -13.52
C THR B 93 21.91 -10.90 -12.23
N THR B 94 20.64 -10.64 -12.33
CA THR B 94 19.82 -10.87 -11.17
C THR B 94 19.90 -12.29 -10.69
N MET B 95 19.92 -13.26 -11.62
CA MET B 95 20.04 -14.65 -11.23
C MET B 95 21.29 -14.87 -10.41
N VAL B 96 22.44 -14.34 -10.87
CA VAL B 96 23.72 -14.63 -10.22
C VAL B 96 23.81 -13.92 -8.86
N GLN B 97 23.32 -12.69 -8.78
CA GLN B 97 23.30 -11.97 -7.47
C GLN B 97 22.49 -12.75 -6.44
N VAL B 98 21.34 -13.26 -6.89
CA VAL B 98 20.49 -14.04 -5.97
C VAL B 98 21.15 -15.38 -5.57
N ALA B 99 21.79 -16.08 -6.51
CA ALA B 99 22.59 -17.31 -6.18
C ALA B 99 23.59 -17.01 -5.11
N GLY B 100 24.25 -15.87 -5.26
CA GLY B 100 25.21 -15.38 -4.30
C GLY B 100 24.63 -15.14 -2.92
N LYS B 101 23.43 -14.58 -2.86
CA LYS B 101 22.78 -14.34 -1.54
C LYS B 101 22.40 -15.66 -0.85
N VAL B 102 22.06 -16.62 -1.69
CA VAL B 102 21.75 -17.94 -1.22
C VAL B 102 23.04 -18.63 -0.81
N GLN B 103 24.11 -18.35 -1.54
CA GLN B 103 25.43 -18.87 -1.14
C GLN B 103 25.80 -18.43 0.27
N GLU B 104 25.56 -17.17 0.58
CA GLU B 104 25.87 -16.66 1.91
C GLU B 104 25.19 -17.49 2.97
N VAL B 105 23.93 -17.84 2.71
CA VAL B 105 23.14 -18.52 3.71
C VAL B 105 23.62 -19.93 3.77
N LEU B 106 23.90 -20.55 2.61
CA LEU B 106 24.48 -21.90 2.58
C LEU B 106 25.75 -22.01 3.42
N LYS B 107 26.49 -20.91 3.55
CA LYS B 107 27.76 -20.91 4.32
C LYS B 107 27.59 -20.81 5.83
N GLU B 108 26.50 -20.19 6.30
CA GLU B 108 26.23 -20.01 7.73
C GLU B 108 24.81 -20.43 7.99
N PRO B 109 24.56 -21.74 8.00
CA PRO B 109 23.20 -22.26 8.21
C PRO B 109 22.55 -22.10 9.60
N ASP B 110 23.25 -21.62 10.62
CA ASP B 110 22.55 -21.41 11.90
C ASP B 110 21.56 -20.30 11.79
N GLY B 111 20.29 -20.69 11.82
CA GLY B 111 19.19 -19.76 11.68
C GLY B 111 18.90 -19.33 10.25
N GLY B 112 19.25 -20.17 9.28
CA GLY B 112 19.15 -19.86 7.88
C GLY B 112 17.97 -20.61 7.35
N LEU B 113 17.21 -20.02 6.45
CA LEU B 113 16.07 -20.73 5.84
C LEU B 113 15.90 -20.22 4.43
N VAL B 114 15.60 -21.10 3.49
CA VAL B 114 15.27 -20.59 2.17
C VAL B 114 13.84 -20.97 1.91
N VAL B 115 12.97 -19.96 1.73
CA VAL B 115 11.53 -20.25 1.55
C VAL B 115 11.10 -20.07 0.10
N LEU B 116 10.41 -21.04 -0.45
CA LEU B 116 9.87 -20.94 -1.77
C LEU B 116 8.34 -20.88 -1.60
N SER B 117 7.67 -19.79 -2.03
CA SER B 117 6.24 -19.57 -1.75
C SER B 117 5.33 -19.18 -2.94
N GLY B 118 4.10 -19.69 -3.01
CA GLY B 118 3.13 -19.17 -3.95
C GLY B 118 1.79 -19.86 -3.87
N GLY B 119 0.85 -19.37 -4.66
CA GLY B 119 -0.50 -19.99 -4.80
C GLY B 119 -0.60 -20.90 -6.01
N GLY B 120 -1.48 -21.89 -5.94
CA GLY B 120 -1.76 -22.79 -7.07
C GLY B 120 -0.47 -23.40 -7.62
N THR B 121 -0.32 -23.42 -8.95
CA THR B 121 0.82 -24.11 -9.53
C THR B 121 2.12 -23.51 -9.04
N SER B 122 2.11 -22.24 -8.71
CA SER B 122 3.33 -21.66 -8.23
C SER B 122 3.70 -22.30 -6.89
N GLY B 123 2.71 -22.65 -6.04
CA GLY B 123 2.99 -23.31 -4.77
C GLY B 123 3.36 -24.76 -5.02
N ARG B 124 2.75 -25.39 -6.00
CA ARG B 124 3.08 -26.72 -6.37
C ARG B 124 4.53 -26.82 -6.82
N MET B 125 4.98 -25.82 -7.57
CA MET B 125 6.33 -25.86 -8.08
C MET B 125 7.30 -25.58 -6.97
N ALA B 126 6.88 -24.77 -6.03
CA ALA B 126 7.67 -24.52 -4.82
C ALA B 126 7.88 -25.81 -4.01
N PHE B 127 6.86 -26.64 -3.97
CA PHE B 127 6.99 -27.84 -3.16
C PHE B 127 8.06 -28.79 -3.78
N LEU B 128 7.98 -29.04 -5.08
CA LEU B 128 8.97 -29.89 -5.73
C LEU B 128 10.38 -29.37 -5.52
N MET B 129 10.58 -28.11 -5.84
CA MET B 129 11.91 -27.60 -5.82
C MET B 129 12.42 -27.73 -4.44
N SER B 130 11.58 -27.49 -3.43
CA SER B 130 12.12 -27.59 -2.07
C SER B 130 12.53 -29.07 -1.72
N VAL B 131 11.76 -30.03 -2.19
CA VAL B 131 12.07 -31.40 -1.96
C VAL B 131 13.42 -31.69 -2.62
N SER B 132 13.60 -31.30 -3.88
CA SER B 132 14.86 -31.55 -4.57
C SER B 132 16.07 -30.94 -3.94
N PHE B 133 16.01 -29.70 -3.53
CA PHE B 133 17.22 -29.11 -3.01
C PHE B 133 17.49 -29.54 -1.58
N ASN B 134 16.43 -29.86 -0.83
CA ASN B 134 16.66 -30.50 0.45
C ASN B 134 17.27 -31.93 0.28
N GLN B 135 16.96 -32.67 -0.79
CA GLN B 135 17.67 -33.90 -1.07
C GLN B 135 19.18 -33.60 -1.29
N LEU B 136 19.45 -32.71 -2.24
CA LEU B 136 20.79 -32.24 -2.50
C LEU B 136 21.60 -31.98 -1.28
N MET B 137 21.13 -31.16 -0.35
CA MET B 137 21.93 -30.88 0.85
C MET B 137 22.14 -32.16 1.77
N LYS B 138 21.15 -33.06 1.79
CA LYS B 138 21.20 -34.34 2.49
C LYS B 138 22.34 -35.19 1.91
N GLY B 139 22.28 -35.44 0.61
CA GLY B 139 23.38 -36.05 -0.11
C GLY B 139 24.77 -35.46 0.13
N LEU B 140 24.90 -34.41 0.92
CA LEU B 140 26.22 -33.91 1.29
C LEU B 140 26.41 -33.83 2.81
N GLY B 141 25.54 -34.51 3.56
CA GLY B 141 25.59 -34.41 5.02
C GLY B 141 25.54 -32.96 5.50
N GLN B 142 24.61 -32.20 4.93
CA GLN B 142 24.29 -30.84 5.36
C GLN B 142 22.81 -30.78 5.85
N LYS B 143 22.56 -29.98 6.87
CA LYS B 143 21.19 -29.75 7.33
C LYS B 143 20.33 -29.09 6.18
N PRO B 144 19.20 -29.71 5.78
CA PRO B 144 18.26 -29.13 4.79
C PRO B 144 17.81 -27.73 5.15
N LEU B 145 18.02 -26.74 4.29
CA LEU B 145 17.66 -25.38 4.64
C LEU B 145 16.39 -24.83 3.95
N TYR B 146 15.74 -25.61 3.08
CA TYR B 146 14.64 -25.13 2.26
C TYR B 146 13.30 -25.57 2.82
N THR B 147 12.28 -24.74 2.61
CA THR B 147 10.92 -25.15 2.87
C THR B 147 10.01 -24.52 1.83
N TYR B 148 8.73 -24.85 1.85
CA TYR B 148 7.81 -24.32 0.88
C TYR B 148 6.58 -23.75 1.60
N LEU B 149 5.88 -22.84 0.95
CA LEU B 149 4.61 -22.30 1.42
C LEU B 149 3.71 -22.27 0.19
N ILE B 150 2.53 -22.86 0.32
CA ILE B 150 1.50 -22.77 -0.68
C ILE B 150 0.21 -22.25 -0.04
N ALA B 151 -0.50 -21.42 -0.79
CA ALA B 151 -1.73 -20.84 -0.34
C ALA B 151 -2.65 -21.96 0.08
N GLY B 152 -3.09 -21.88 1.32
CA GLY B 152 -4.08 -22.79 1.85
C GLY B 152 -3.51 -23.92 2.68
N GLY B 153 -2.20 -23.93 2.93
CA GLY B 153 -1.49 -25.02 3.67
C GLY B 153 -1.31 -26.22 2.76
N ASP B 154 -0.69 -27.29 3.24
CA ASP B 154 0.01 -28.14 2.30
C ASP B 154 -0.85 -29.14 1.60
N ARG B 155 -2.06 -29.32 2.11
CA ARG B 155 -3.07 -30.02 1.36
C ARG B 155 -3.31 -29.35 -0.01
N SER B 156 -3.01 -28.06 -0.16
CA SER B 156 -3.17 -27.43 -1.48
C SER B 156 -2.27 -28.07 -2.57
N VAL B 157 -1.17 -28.71 -2.16
CA VAL B 157 -0.18 -29.22 -3.11
C VAL B 157 -0.79 -30.13 -4.16
N VAL B 158 -1.78 -30.92 -3.75
CA VAL B 158 -2.44 -31.91 -4.58
C VAL B 158 -3.97 -31.68 -4.71
N ALA B 159 -4.42 -30.44 -4.58
CA ALA B 159 -5.85 -30.11 -4.69
C ALA B 159 -6.09 -28.82 -5.48
N SER B 160 -7.28 -28.72 -6.06
CA SER B 160 -7.79 -27.47 -6.62
C SER B 160 -8.40 -26.67 -5.50
N ARG B 161 -7.76 -25.56 -5.17
CA ARG B 161 -8.11 -24.69 -4.05
C ARG B 161 -7.78 -23.23 -4.40
N GLU B 162 -8.37 -22.82 -5.52
CA GLU B 162 -8.04 -21.56 -6.21
C GLU B 162 -8.42 -20.35 -5.37
N GLY B 163 -9.34 -20.55 -4.41
CA GLY B 163 -9.78 -19.42 -3.53
C GLY B 163 -8.82 -18.99 -2.44
N THR B 164 -7.80 -19.79 -2.15
CA THR B 164 -6.91 -19.48 -0.99
C THR B 164 -5.84 -18.41 -1.19
N GLU B 165 -5.74 -17.88 -2.41
CA GLU B 165 -4.62 -17.00 -2.80
C GLU B 165 -4.87 -15.52 -2.48
N ASP B 166 -6.12 -15.26 -2.09
CA ASP B 166 -6.67 -13.89 -2.04
C ASP B 166 -6.42 -13.17 -0.75
N SER B 167 -5.76 -13.81 0.18
CA SER B 167 -5.52 -13.13 1.48
C SER B 167 -4.06 -12.82 1.67
N ALA B 168 -3.75 -11.55 1.92
CA ALA B 168 -2.39 -11.17 2.22
C ALA B 168 -1.95 -11.54 3.63
N LEU B 169 -2.88 -11.50 4.58
CA LEU B 169 -2.56 -11.84 5.98
C LEU B 169 -2.27 -13.35 6.17
N HIS B 170 -2.97 -14.17 5.44
CA HIS B 170 -2.73 -15.59 5.42
C HIS B 170 -1.30 -15.94 4.93
N GLY B 171 -0.83 -15.25 3.89
CA GLY B 171 0.54 -15.44 3.43
C GLY B 171 1.56 -14.99 4.48
N ILE B 172 1.26 -13.89 5.13
CA ILE B 172 2.11 -13.36 6.17
C ILE B 172 2.17 -14.29 7.34
N GLU B 173 1.03 -14.85 7.72
CA GLU B 173 0.95 -15.75 8.89
C GLU B 173 1.79 -17.01 8.65
N GLU B 174 1.64 -17.61 7.47
CA GLU B 174 2.39 -18.81 7.13
C GLU B 174 3.87 -18.57 7.12
N LEU B 175 4.26 -17.37 6.73
CA LEU B 175 5.67 -17.01 6.66
C LEU B 175 6.15 -16.92 8.09
N LYS B 176 5.37 -16.30 8.97
CA LYS B 176 5.83 -16.15 10.37
C LYS B 176 5.99 -17.49 11.07
N LYS B 177 5.12 -18.43 10.77
CA LYS B 177 5.26 -19.77 11.32
C LYS B 177 6.59 -20.37 11.01
N VAL B 178 6.92 -20.37 9.73
CA VAL B 178 8.08 -21.08 9.26
C VAL B 178 9.40 -20.34 9.65
N ALA B 179 9.34 -19.03 9.80
CA ALA B 179 10.54 -18.23 10.03
C ALA B 179 10.81 -17.78 11.46
N ALA B 180 9.95 -18.20 12.38
CA ALA B 180 9.85 -17.61 13.73
C ALA B 180 11.19 -17.55 14.50
N GLY B 181 11.95 -18.63 14.49
CA GLY B 181 13.19 -18.54 15.28
C GLY B 181 14.47 -18.11 14.55
N LYS B 182 14.38 -17.66 13.30
CA LYS B 182 15.54 -17.70 12.39
C LYS B 182 16.18 -16.34 12.32
N LYS B 183 17.43 -16.32 11.89
CA LYS B 183 18.18 -15.05 11.80
C LYS B 183 18.35 -14.52 10.38
N ARG B 184 18.37 -15.42 9.40
CA ARG B 184 18.46 -15.06 7.98
C ARG B 184 17.52 -15.94 7.16
N VAL B 185 16.56 -15.30 6.47
CA VAL B 185 15.55 -16.02 5.70
C VAL B 185 15.46 -15.39 4.32
N ILE B 186 15.70 -16.19 3.30
CA ILE B 186 15.48 -15.73 1.93
C ILE B 186 14.11 -16.23 1.54
N VAL B 187 13.29 -15.30 1.05
CA VAL B 187 11.91 -15.62 0.71
C VAL B 187 11.70 -15.39 -0.75
N ILE B 188 11.54 -16.49 -1.46
CA ILE B 188 11.33 -16.46 -2.87
C ILE B 188 9.85 -16.54 -3.13
N GLY B 189 9.25 -15.39 -3.41
CA GLY B 189 7.81 -15.36 -3.55
C GLY B 189 7.47 -15.48 -5.00
N ILE B 190 6.68 -16.49 -5.37
CA ILE B 190 6.47 -16.80 -6.78
C ILE B 190 5.03 -16.51 -7.19
N SER B 191 4.89 -15.58 -8.11
CA SER B 191 3.57 -15.32 -8.68
C SER B 191 3.75 -14.92 -10.09
N VAL B 192 3.28 -15.78 -10.96
CA VAL B 192 3.52 -15.66 -12.38
C VAL B 192 3.03 -14.31 -12.87
N GLY B 193 1.85 -13.93 -12.42
CA GLY B 193 1.23 -12.72 -12.90
C GLY B 193 1.63 -11.48 -12.14
N LEU B 194 2.57 -11.60 -11.18
CA LEU B 194 2.78 -10.61 -10.16
C LEU B 194 1.39 -10.19 -9.60
N SER B 195 0.67 -11.22 -9.15
CA SER B 195 -0.75 -11.15 -8.93
C SER B 195 -1.23 -11.51 -7.50
N ALA B 196 -0.64 -12.54 -6.87
CA ALA B 196 -1.23 -13.18 -5.69
C ALA B 196 -1.12 -12.34 -4.40
N PRO B 197 -2.28 -11.97 -3.82
CA PRO B 197 -2.20 -11.32 -2.52
C PRO B 197 -1.39 -12.13 -1.48
N PHE B 198 -1.54 -13.46 -1.47
CA PHE B 198 -0.73 -14.36 -0.64
C PHE B 198 0.76 -13.94 -0.69
N VAL B 199 1.28 -13.69 -1.88
CA VAL B 199 2.69 -13.33 -2.04
C VAL B 199 2.97 -11.86 -1.79
N ALA B 200 2.10 -10.97 -2.25
CA ALA B 200 2.32 -9.54 -1.95
C ALA B 200 2.49 -9.30 -0.45
N GLY B 201 1.66 -9.93 0.35
CA GLY B 201 1.89 -9.76 1.81
C GLY B 201 3.27 -10.12 2.32
N GLN B 202 3.72 -11.32 1.90
CA GLN B 202 5.02 -11.84 2.30
C GLN B 202 6.11 -10.91 1.85
N MET B 203 6.03 -10.47 0.58
CA MET B 203 7.08 -9.61 0.05
C MET B 203 7.13 -8.37 0.87
N ASP B 204 5.97 -7.78 1.14
CA ASP B 204 5.91 -6.51 1.90
C ASP B 204 6.44 -6.69 3.32
N CYS B 205 6.04 -7.78 3.98
CA CYS B 205 6.51 -8.08 5.38
C CYS B 205 8.04 -8.19 5.46
N CYS B 206 8.61 -8.80 4.42
CA CYS B 206 10.07 -8.93 4.28
C CYS B 206 10.74 -7.60 4.21
N MET B 207 10.21 -6.68 3.41
CA MET B 207 10.85 -5.35 3.29
C MET B 207 10.77 -4.55 4.59
N ASN B 208 9.84 -4.89 5.47
CA ASN B 208 9.75 -4.17 6.71
C ASN B 208 10.74 -4.76 7.75
N ASN B 209 11.53 -5.79 7.42
CA ASN B 209 12.45 -6.38 8.38
C ASN B 209 13.66 -7.08 7.67
N THR B 210 14.47 -6.24 7.03
CA THR B 210 15.55 -6.62 6.12
C THR B 210 16.80 -7.14 6.82
N ALA B 211 16.89 -6.86 8.11
CA ALA B 211 17.85 -7.50 9.00
C ALA B 211 17.75 -9.02 8.97
N VAL B 212 16.54 -9.53 8.77
CA VAL B 212 16.28 -10.97 8.74
C VAL B 212 15.97 -11.45 7.34
N PHE B 213 15.13 -10.70 6.61
CA PHE B 213 14.54 -11.19 5.39
C PHE B 213 15.16 -10.60 4.16
N LEU B 214 15.38 -11.48 3.19
CA LEU B 214 15.64 -11.07 1.81
C LEU B 214 14.50 -11.56 0.88
N PRO B 215 13.69 -10.61 0.45
CA PRO B 215 12.67 -11.01 -0.51
C PRO B 215 13.16 -11.07 -1.96
N VAL B 216 12.78 -12.13 -2.68
CA VAL B 216 13.09 -12.34 -4.07
C VAL B 216 11.77 -12.64 -4.76
N LEU B 217 11.28 -11.70 -5.60
CA LEU B 217 10.01 -11.88 -6.29
C LEU B 217 10.25 -12.46 -7.63
N VAL B 218 9.47 -13.44 -8.00
CA VAL B 218 9.62 -14.07 -9.27
C VAL B 218 8.29 -14.15 -10.01
N GLY B 219 8.26 -13.66 -11.24
CA GLY B 219 7.10 -13.88 -12.10
C GLY B 219 7.48 -13.48 -13.49
N PHE B 220 6.49 -13.20 -14.32
CA PHE B 220 6.70 -13.12 -15.75
C PHE B 220 5.96 -11.95 -16.41
N ASN B 221 5.66 -10.96 -15.59
CA ASN B 221 5.21 -9.68 -16.09
C ASN B 221 6.20 -8.63 -15.69
N PRO B 222 6.36 -7.62 -16.56
CA PRO B 222 7.02 -6.43 -16.10
C PRO B 222 6.26 -5.85 -14.91
N VAL B 223 7.03 -5.32 -13.99
CA VAL B 223 6.51 -4.58 -12.89
C VAL B 223 5.48 -3.52 -13.29
N SER B 224 5.64 -2.88 -14.44
CA SER B 224 4.64 -1.91 -14.90
C SER B 224 3.29 -2.55 -15.24
N MET B 225 3.24 -3.88 -15.31
CA MET B 225 1.98 -4.59 -15.52
C MET B 225 1.67 -5.46 -14.32
N ALA B 226 2.41 -5.37 -13.23
CA ALA B 226 1.98 -6.05 -12.01
C ALA B 226 0.59 -5.59 -11.60
N ARG B 227 -0.08 -6.48 -10.90
CA ARG B 227 -1.48 -6.32 -10.55
C ARG B 227 -1.62 -5.14 -9.64
N ASN B 228 -2.66 -4.36 -9.85
CA ASN B 228 -2.73 -3.04 -9.17
C ASN B 228 -4.13 -2.75 -8.60
N ASP B 229 -5.02 -3.75 -8.55
CA ASP B 229 -6.33 -3.64 -7.92
C ASP B 229 -6.20 -3.88 -6.45
N PRO B 230 -7.13 -3.31 -5.62
CA PRO B 230 -6.96 -3.33 -4.18
C PRO B 230 -7.11 -4.76 -3.68
N ILE B 231 -6.38 -5.06 -2.62
CA ILE B 231 -6.36 -6.36 -1.99
C ILE B 231 -7.15 -6.18 -0.72
N GLU B 232 -7.98 -7.16 -0.46
CA GLU B 232 -9.08 -6.97 0.44
C GLU B 232 -8.60 -6.78 1.88
N ASP B 233 -7.48 -7.40 2.28
CA ASP B 233 -6.95 -7.18 3.65
C ASP B 233 -5.58 -6.52 3.65
N TRP B 234 -5.32 -5.65 2.70
CA TRP B 234 -3.99 -5.07 2.64
C TRP B 234 -4.07 -3.72 1.91
N SER B 235 -3.27 -2.76 2.35
CA SER B 235 -3.39 -1.36 1.87
C SER B 235 -2.59 -1.07 0.62
N SER B 236 -1.47 -1.77 0.41
CA SER B 236 -0.72 -1.61 -0.81
C SER B 236 -1.15 -2.63 -1.88
N THR B 237 -0.61 -2.45 -3.07
CA THR B 237 -1.09 -3.14 -4.25
C THR B 237 0.12 -3.99 -4.65
N PHE B 238 -0.08 -5.11 -5.36
CA PHE B 238 1.05 -5.91 -5.79
C PHE B 238 2.12 -5.08 -6.54
N ARG B 239 1.71 -4.21 -7.43
CA ARG B 239 2.65 -3.33 -8.16
C ARG B 239 3.49 -2.36 -7.30
N GLN B 240 2.95 -1.93 -6.18
CA GLN B 240 3.64 -0.95 -5.38
C GLN B 240 4.71 -1.71 -4.66
N VAL B 241 4.36 -2.91 -4.25
CA VAL B 241 5.28 -3.78 -3.48
C VAL B 241 6.42 -4.09 -4.41
N ALA B 242 6.10 -4.50 -5.62
CA ALA B 242 7.16 -4.81 -6.63
C ALA B 242 7.97 -3.57 -7.01
N GLU B 243 7.35 -2.39 -7.19
CA GLU B 243 8.10 -1.13 -7.44
C GLU B 243 9.06 -0.90 -6.27
N ARG B 244 8.57 -1.07 -5.04
CA ARG B 244 9.46 -0.84 -3.91
C ARG B 244 10.62 -1.85 -3.78
N MET B 245 10.41 -3.11 -4.17
CA MET B 245 11.48 -4.11 -4.18
C MET B 245 12.52 -3.77 -5.30
N GLN B 246 12.02 -3.33 -6.45
CA GLN B 246 12.93 -2.83 -7.50
C GLN B 246 13.87 -1.73 -7.05
N LYS B 247 13.33 -0.72 -6.40
CA LYS B 247 14.11 0.34 -5.78
C LYS B 247 15.21 -0.26 -4.90
N MET B 248 14.83 -1.13 -3.98
CA MET B 248 15.78 -1.79 -3.11
C MET B 248 16.80 -2.74 -3.79
N GLN B 249 16.55 -3.19 -5.00
CA GLN B 249 17.47 -4.09 -5.66
C GLN B 249 18.86 -3.44 -5.87
N GLU B 250 18.87 -2.15 -6.15
CA GLU B 250 20.13 -1.36 -6.21
C GLU B 250 21.06 -1.54 -5.02
N LYS B 251 20.53 -1.68 -3.81
CA LYS B 251 21.34 -1.97 -2.61
C LYS B 251 21.39 -3.50 -2.35
N GLN B 252 20.96 -4.32 -3.32
CA GLN B 252 20.87 -5.78 -3.16
C GLN B 252 20.14 -6.26 -1.87
N LYS B 253 19.05 -5.58 -1.57
CA LYS B 253 18.24 -5.87 -0.40
C LYS B 253 16.88 -6.45 -0.82
N ALA B 254 16.58 -6.42 -2.12
CA ALA B 254 15.49 -7.23 -2.68
C ALA B 254 15.79 -7.50 -4.14
N PHE B 255 15.11 -8.47 -4.71
CA PHE B 255 15.28 -8.72 -6.13
C PHE B 255 13.95 -9.02 -6.77
N VAL B 256 13.84 -8.56 -8.01
CA VAL B 256 12.70 -8.86 -8.81
C VAL B 256 13.26 -9.54 -10.05
N LEU B 257 12.84 -10.76 -10.30
CA LEU B 257 13.39 -11.61 -11.30
C LEU B 257 12.20 -11.97 -12.16
N ASN B 258 12.08 -11.25 -13.28
CA ASN B 258 10.84 -11.21 -14.05
C ASN B 258 10.99 -11.12 -15.56
N PRO B 259 11.52 -12.16 -16.15
CA PRO B 259 11.62 -12.15 -17.58
C PRO B 259 10.25 -12.34 -18.22
N ALA B 260 10.12 -11.79 -19.42
CA ALA B 260 8.96 -11.99 -20.25
C ALA B 260 9.13 -13.33 -21.03
N ILE B 261 8.12 -14.18 -20.98
CA ILE B 261 8.20 -15.43 -21.68
C ILE B 261 7.15 -15.58 -22.71
N GLY B 262 6.40 -14.51 -22.96
CA GLY B 262 5.32 -14.55 -23.89
C GLY B 262 4.06 -15.12 -23.27
N PRO B 263 2.92 -14.78 -23.82
CA PRO B 263 1.69 -15.28 -23.27
C PRO B 263 1.46 -16.79 -23.42
N GLU B 264 0.51 -17.27 -22.63
CA GLU B 264 0.19 -18.70 -22.61
C GLU B 264 -0.61 -19.10 -23.85
N GLY B 265 -0.43 -20.35 -24.26
CA GLY B 265 -1.13 -20.89 -25.42
C GLY B 265 -2.63 -20.93 -25.16
N LEU B 266 -3.04 -21.25 -23.93
CA LEU B 266 -4.42 -21.05 -23.45
C LEU B 266 -4.36 -19.82 -22.49
N SER B 267 -5.00 -18.75 -22.93
CA SER B 267 -4.88 -17.40 -22.39
C SER B 267 -5.11 -17.46 -20.92
N GLY B 268 -4.14 -16.98 -20.16
CA GLY B 268 -4.20 -16.95 -18.72
C GLY B 268 -3.90 -18.26 -18.01
N SER B 269 -3.60 -19.35 -18.72
CA SER B 269 -3.32 -20.63 -18.05
C SER B 269 -1.86 -20.68 -17.60
N SER B 270 -1.58 -19.95 -16.53
CA SER B 270 -0.25 -19.81 -16.02
C SER B 270 0.33 -21.08 -15.42
N ARG B 271 -0.47 -22.13 -15.22
CA ARG B 271 0.08 -23.48 -14.92
C ARG B 271 1.09 -23.95 -15.98
N MET B 272 0.94 -23.49 -17.21
CA MET B 272 1.74 -23.98 -18.33
C MET B 272 3.14 -23.35 -18.44
N LYS B 273 3.35 -22.37 -19.30
CA LYS B 273 4.69 -21.78 -19.39
C LYS B 273 5.11 -21.16 -18.10
N GLY B 274 4.18 -20.56 -17.40
CA GLY B 274 4.60 -19.94 -16.16
C GLY B 274 5.21 -20.86 -15.15
N GLY B 275 4.56 -22.02 -15.01
CA GLY B 275 5.04 -22.98 -14.08
C GLY B 275 6.34 -23.65 -14.57
N SER B 276 6.42 -24.02 -15.85
CA SER B 276 7.70 -24.46 -16.42
C SER B 276 8.82 -23.46 -16.27
N ALA B 277 8.56 -22.23 -16.69
CA ALA B 277 9.56 -21.18 -16.48
C ALA B 277 9.98 -20.98 -15.05
N THR B 278 9.05 -21.20 -14.10
CA THR B 278 9.41 -21.05 -12.70
C THR B 278 10.51 -22.07 -12.33
N LYS B 279 10.30 -23.32 -12.73
CA LYS B 279 11.27 -24.38 -12.52
C LYS B 279 12.57 -24.05 -13.19
N ILE B 280 12.45 -23.79 -14.48
CA ILE B 280 13.61 -23.47 -15.30
C ILE B 280 14.45 -22.43 -14.64
N LEU B 281 13.83 -21.34 -14.21
CA LEU B 281 14.54 -20.22 -13.60
C LEU B 281 15.14 -20.57 -12.28
N LEU B 282 14.35 -21.17 -11.39
CA LEU B 282 14.83 -21.30 -9.99
C LEU B 282 15.72 -22.54 -9.77
N GLU B 283 15.47 -23.62 -10.48
CA GLU B 283 16.38 -24.80 -10.44
C GLU B 283 17.73 -24.44 -11.03
N THR B 284 17.75 -23.74 -12.16
CA THR B 284 18.98 -23.20 -12.68
C THR B 284 19.70 -22.42 -11.59
N LEU B 285 19.00 -21.46 -11.00
CA LEU B 285 19.68 -20.54 -10.07
C LEU B 285 20.18 -21.18 -8.81
N LEU B 286 19.36 -22.04 -8.23
CA LEU B 286 19.75 -22.64 -6.97
C LEU B 286 20.76 -23.78 -7.21
N LEU B 287 20.60 -24.54 -8.29
CA LEU B 287 21.58 -25.55 -8.58
C LEU B 287 22.96 -24.90 -8.79
N ALA B 288 23.01 -23.76 -9.45
CA ALA B 288 24.24 -23.06 -9.59
C ALA B 288 24.73 -22.58 -8.27
N ALA B 289 23.83 -22.12 -7.41
CA ALA B 289 24.27 -21.61 -6.13
C ALA B 289 25.06 -22.72 -5.42
N HIS B 290 24.52 -23.94 -5.46
CA HIS B 290 25.13 -25.06 -4.72
C HIS B 290 26.45 -25.50 -5.38
N LYS B 291 26.39 -25.85 -6.67
CA LYS B 291 27.59 -26.20 -7.45
C LYS B 291 28.77 -25.21 -7.30
N THR B 292 28.52 -23.91 -7.16
CA THR B 292 29.62 -22.97 -7.23
C THR B 292 29.97 -22.24 -5.96
N VAL B 293 29.58 -22.72 -4.79
CA VAL B 293 30.07 -22.09 -3.54
C VAL B 293 31.60 -21.94 -3.62
N ASP B 294 32.10 -20.77 -3.26
CA ASP B 294 33.55 -20.51 -3.17
C ASP B 294 34.37 -20.65 -4.50
N GLN B 295 33.73 -20.39 -5.64
CA GLN B 295 34.42 -20.32 -6.94
C GLN B 295 34.34 -18.94 -7.59
N GLY B 296 33.73 -17.96 -6.92
CA GLY B 296 33.66 -16.63 -7.50
C GLY B 296 32.57 -16.52 -8.54
N ILE B 297 32.27 -15.30 -8.93
CA ILE B 297 31.08 -15.04 -9.73
C ILE B 297 31.17 -15.61 -11.16
N ALA B 298 32.38 -15.68 -11.71
CA ALA B 298 32.58 -16.10 -13.09
C ALA B 298 32.06 -17.52 -13.29
N ALA B 299 32.52 -18.42 -12.41
CA ALA B 299 32.06 -19.81 -12.42
C ALA B 299 30.52 -19.89 -12.33
N SER B 300 29.92 -18.99 -11.54
CA SER B 300 28.46 -18.99 -11.29
C SER B 300 27.72 -18.62 -12.57
N GLN B 301 28.14 -17.53 -13.22
CA GLN B 301 27.55 -17.11 -14.48
C GLN B 301 27.61 -18.20 -15.54
N ARG B 302 28.76 -18.87 -15.63
CA ARG B 302 28.94 -19.92 -16.64
C ARG B 302 28.01 -21.07 -16.33
N CYS B 303 27.95 -21.42 -15.06
CA CYS B 303 27.10 -22.53 -14.63
C CYS B 303 25.59 -22.25 -14.87
N LEU B 304 25.14 -21.01 -14.58
CA LEU B 304 23.77 -20.58 -14.91
C LEU B 304 23.51 -20.82 -16.38
N LEU B 305 24.44 -20.33 -17.20
CA LEU B 305 24.31 -20.49 -18.64
C LEU B 305 24.37 -21.95 -19.09
N GLU B 306 25.24 -22.76 -18.50
CA GLU B 306 25.19 -24.20 -18.83
C GLU B 306 23.78 -24.77 -18.61
N ILE B 307 23.21 -24.51 -17.46
CA ILE B 307 21.93 -25.18 -17.07
C ILE B 307 20.77 -24.70 -17.90
N LEU B 308 20.74 -23.41 -18.19
CA LEU B 308 19.66 -22.89 -19.02
C LEU B 308 19.65 -23.60 -20.36
N ARG B 309 20.86 -23.71 -20.94
CA ARG B 309 20.98 -24.27 -22.30
C ARG B 309 20.58 -25.73 -22.25
N THR B 310 20.92 -26.42 -21.18
CA THR B 310 20.42 -27.77 -20.94
C THR B 310 18.84 -27.81 -20.92
N PHE B 311 18.23 -26.92 -20.15
CA PHE B 311 16.75 -26.86 -20.14
C PHE B 311 16.21 -26.58 -21.54
N GLU B 312 16.90 -25.74 -22.28
CA GLU B 312 16.43 -25.46 -23.66
C GLU B 312 16.53 -26.69 -24.62
N ARG B 313 17.55 -27.53 -24.46
CA ARG B 313 17.64 -28.82 -25.27
C ARG B 313 16.47 -29.74 -24.92
N ALA B 314 16.11 -29.75 -23.63
CA ALA B 314 14.96 -30.55 -23.11
C ALA B 314 13.70 -30.20 -23.80
N HIS B 315 13.53 -28.92 -24.09
CA HIS B 315 12.42 -28.56 -24.93
C HIS B 315 12.53 -29.32 -26.23
N GLN B 316 13.62 -29.20 -26.97
CA GLN B 316 13.63 -29.79 -28.34
C GLN B 316 13.64 -31.29 -28.24
N VAL B 317 14.30 -31.82 -27.22
CA VAL B 317 14.20 -33.25 -26.96
C VAL B 317 12.77 -33.65 -26.74
N THR B 318 12.12 -33.01 -25.78
CA THR B 318 10.74 -33.37 -25.48
C THR B 318 9.84 -33.29 -26.70
N TYR B 319 9.91 -32.18 -27.42
CA TYR B 319 8.99 -32.03 -28.55
C TYR B 319 9.43 -32.74 -29.81
N SER B 320 10.56 -33.46 -29.80
CA SER B 320 10.86 -34.24 -31.01
C SER B 320 9.88 -35.40 -31.11
N GLN B 321 9.34 -35.82 -29.96
CA GLN B 321 8.28 -36.81 -29.89
C GLN B 321 6.88 -36.27 -30.19
N SER B 322 6.80 -35.20 -30.98
CA SER B 322 5.52 -34.57 -31.19
C SER B 322 4.48 -35.53 -31.76
N PRO B 323 4.82 -36.32 -32.82
CA PRO B 323 3.71 -37.13 -33.36
C PRO B 323 3.12 -38.15 -32.34
N LYS B 324 3.95 -38.68 -31.43
CA LYS B 324 3.45 -39.59 -30.39
C LYS B 324 2.68 -38.89 -29.22
N ILE B 325 3.00 -37.61 -28.98
CA ILE B 325 2.20 -36.79 -28.07
C ILE B 325 0.80 -36.54 -28.64
N ALA B 326 0.70 -36.34 -29.93
CA ALA B 326 -0.59 -36.11 -30.55
C ALA B 326 -1.49 -37.35 -30.55
N THR B 327 -0.86 -38.51 -30.68
CA THR B 327 -1.62 -39.75 -30.66
C THR B 327 -2.16 -39.99 -29.24
N LEU B 328 -1.39 -39.67 -28.22
CA LEU B 328 -1.91 -39.78 -26.86
C LEU B 328 -3.09 -38.79 -26.68
N MET B 329 -2.94 -37.58 -27.20
CA MET B 329 -3.94 -36.52 -27.04
C MET B 329 -5.24 -37.01 -27.62
N LYS B 330 -5.19 -37.58 -28.80
CA LYS B 330 -6.37 -38.23 -29.40
C LYS B 330 -6.95 -39.29 -28.47
N SER B 331 -6.12 -40.18 -27.94
CA SER B 331 -6.65 -41.29 -27.14
C SER B 331 -7.32 -40.69 -25.90
N VAL B 332 -6.58 -39.85 -25.18
CA VAL B 332 -7.10 -39.21 -23.95
C VAL B 332 -8.46 -38.49 -24.19
N SER B 333 -8.57 -37.76 -25.29
CA SER B 333 -9.77 -36.96 -25.65
C SER B 333 -10.97 -37.83 -26.05
N THR B 334 -10.72 -38.81 -26.91
CA THR B 334 -11.70 -39.85 -27.27
C THR B 334 -12.31 -40.44 -26.01
N SER B 335 -11.45 -40.88 -25.12
CA SER B 335 -11.84 -41.42 -23.84
C SER B 335 -12.80 -40.48 -23.05
N LEU B 336 -12.48 -39.20 -22.93
CA LEU B 336 -13.41 -38.21 -22.31
C LEU B 336 -14.63 -37.87 -23.17
N GLU B 337 -14.46 -37.92 -24.48
CA GLU B 337 -15.64 -37.79 -25.34
C GLU B 337 -16.71 -38.84 -25.04
N LYS B 338 -16.29 -40.07 -24.74
CA LYS B 338 -17.24 -41.18 -24.51
C LYS B 338 -17.61 -41.32 -23.04
N LYS B 339 -17.22 -40.32 -22.26
CA LYS B 339 -17.50 -40.21 -20.83
C LYS B 339 -16.83 -41.29 -19.98
N GLY B 340 -15.71 -41.77 -20.48
CA GLY B 340 -14.77 -42.50 -19.65
C GLY B 340 -13.75 -41.60 -18.97
N HIS B 341 -12.63 -42.21 -18.58
CA HIS B 341 -11.72 -41.61 -17.62
C HIS B 341 -10.28 -41.89 -18.04
N VAL B 342 -9.36 -41.07 -17.53
CA VAL B 342 -7.97 -41.13 -17.90
C VAL B 342 -7.20 -41.19 -16.63
N TYR B 343 -6.26 -42.12 -16.63
CA TYR B 343 -5.48 -42.48 -15.46
C TYR B 343 -4.01 -42.21 -15.80
N LEU B 344 -3.36 -41.40 -15.00
CA LEU B 344 -1.97 -41.14 -15.25
C LEU B 344 -1.21 -41.78 -14.15
N VAL B 345 -0.66 -42.96 -14.44
CA VAL B 345 -0.05 -43.75 -13.40
C VAL B 345 1.42 -43.56 -13.53
N GLY B 346 2.03 -43.12 -12.46
CA GLY B 346 3.38 -42.67 -12.50
C GLY B 346 4.22 -42.98 -11.30
N TRP B 347 5.54 -43.01 -11.54
CA TRP B 347 6.46 -43.38 -10.47
C TRP B 347 7.23 -42.20 -9.97
N GLN B 348 7.38 -42.18 -8.65
CA GLN B 348 8.13 -41.13 -8.01
C GLN B 348 7.53 -39.76 -8.32
N THR B 349 8.41 -38.82 -8.58
CA THR B 349 8.13 -37.42 -8.61
C THR B 349 7.34 -37.13 -9.90
N LEU B 350 7.47 -38.00 -10.87
CA LEU B 350 6.74 -37.91 -12.11
C LEU B 350 5.27 -38.29 -11.90
N GLY B 351 5.05 -39.16 -10.92
CA GLY B 351 3.73 -39.41 -10.42
C GLY B 351 3.08 -38.20 -9.77
N ILE B 352 3.80 -37.52 -8.89
CA ILE B 352 3.38 -36.27 -8.29
C ILE B 352 2.96 -35.23 -9.34
N ILE B 353 3.77 -35.10 -10.40
CA ILE B 353 3.48 -34.23 -11.53
C ILE B 353 2.21 -34.60 -12.25
N ALA B 354 2.01 -35.92 -12.37
CA ALA B 354 0.80 -36.50 -12.95
C ALA B 354 -0.41 -36.13 -12.12
N ILE B 355 -0.28 -36.32 -10.81
CA ILE B 355 -1.32 -35.91 -9.89
C ILE B 355 -1.67 -34.42 -10.08
N MET B 356 -0.64 -33.56 -10.05
CA MET B 356 -0.83 -32.12 -10.30
C MET B 356 -1.55 -31.85 -11.59
N ASP B 357 -1.14 -32.47 -12.68
CA ASP B 357 -1.77 -32.09 -13.93
C ASP B 357 -3.30 -32.37 -13.89
N GLY B 358 -3.65 -33.58 -13.46
CA GLY B 358 -5.05 -34.02 -13.48
C GLY B 358 -5.94 -33.18 -12.57
N VAL B 359 -5.39 -32.77 -11.46
CA VAL B 359 -6.14 -31.95 -10.53
C VAL B 359 -6.34 -30.53 -11.09
N GLU B 360 -5.33 -30.04 -11.83
CA GLU B 360 -5.39 -28.72 -12.39
C GLU B 360 -6.50 -28.64 -13.43
N CYS B 361 -6.82 -29.78 -14.03
CA CYS B 361 -7.85 -29.83 -15.05
C CYS B 361 -9.26 -29.49 -14.47
N ILE B 362 -9.39 -29.72 -13.16
CA ILE B 362 -10.62 -29.51 -12.40
C ILE B 362 -11.03 -28.06 -12.55
N HIS B 363 -10.16 -27.15 -12.14
CA HIS B 363 -10.47 -25.72 -12.29
C HIS B 363 -10.18 -25.19 -13.69
N THR B 364 -9.24 -25.80 -14.40
CA THR B 364 -8.89 -25.21 -15.65
C THR B 364 -9.98 -25.42 -16.66
N PHE B 365 -10.53 -26.64 -16.69
CA PHE B 365 -11.50 -27.00 -17.72
C PHE B 365 -12.84 -27.39 -17.19
N GLY B 366 -13.08 -27.26 -15.90
CA GLY B 366 -14.35 -27.74 -15.35
C GLY B 366 -14.50 -29.26 -15.31
N ALA B 367 -13.38 -29.98 -15.36
CA ALA B 367 -13.44 -31.44 -15.40
C ALA B 367 -13.78 -32.00 -14.03
N ASP B 368 -14.50 -33.09 -13.99
CA ASP B 368 -14.57 -33.87 -12.73
C ASP B 368 -13.16 -34.39 -12.31
N PHE B 369 -12.99 -34.59 -11.04
CA PHE B 369 -11.78 -35.13 -10.51
C PHE B 369 -11.25 -36.39 -11.21
N ARG B 370 -12.13 -37.24 -11.69
CA ARG B 370 -11.73 -38.54 -12.22
C ARG B 370 -11.55 -38.47 -13.73
N ASP B 371 -11.91 -37.34 -14.32
CA ASP B 371 -11.71 -37.18 -15.74
C ASP B 371 -10.23 -37.37 -16.17
N VAL B 372 -9.36 -36.61 -15.52
CA VAL B 372 -7.93 -36.77 -15.73
C VAL B 372 -7.33 -36.86 -14.37
N ARG B 373 -7.01 -38.09 -13.98
CA ARG B 373 -6.58 -38.34 -12.64
C ARG B 373 -5.21 -39.01 -12.55
N GLY B 374 -4.40 -38.58 -11.62
CA GLY B 374 -3.04 -39.02 -11.48
C GLY B 374 -2.89 -39.91 -10.26
N PHE B 375 -1.97 -40.87 -10.40
CA PHE B 375 -1.60 -41.79 -9.31
C PHE B 375 -0.09 -41.88 -9.16
N LEU B 376 0.34 -41.84 -7.90
CA LEU B 376 1.66 -42.23 -7.49
C LEU B 376 1.70 -43.70 -6.99
N ILE B 377 2.36 -44.57 -7.74
CA ILE B 377 2.67 -45.95 -7.31
C ILE B 377 3.90 -46.03 -6.39
N GLY B 378 3.71 -46.42 -5.14
CA GLY B 378 4.77 -46.33 -4.11
C GLY B 378 5.03 -47.70 -3.49
N GLN B 393 -5.38 -37.36 2.54
CA GLN B 393 -6.70 -36.73 2.66
C GLN B 393 -7.17 -36.14 1.30
N GLY B 394 -8.51 -36.08 1.15
CA GLY B 394 -9.19 -35.89 -0.14
C GLY B 394 -9.38 -37.28 -0.73
N PRO B 395 -9.54 -37.39 -2.05
CA PRO B 395 -9.39 -38.71 -2.61
C PRO B 395 -7.94 -39.23 -2.51
N GLN B 396 -7.75 -40.51 -2.73
CA GLN B 396 -6.45 -41.10 -2.53
C GLN B 396 -5.54 -40.89 -3.78
N PHE B 397 -4.24 -40.68 -3.54
CA PHE B 397 -3.26 -40.46 -4.61
C PHE B 397 -1.98 -41.33 -4.55
N THR B 398 -1.52 -41.70 -3.35
CA THR B 398 -0.44 -42.69 -3.17
C THR B 398 -0.99 -44.13 -2.97
N PHE B 399 -0.75 -44.99 -3.95
CA PHE B 399 -1.09 -46.39 -3.89
C PHE B 399 0.14 -47.33 -4.00
N SER B 400 0.28 -48.25 -3.03
CA SER B 400 1.07 -49.48 -3.27
C SER B 400 0.57 -50.16 -4.54
N GLN B 401 1.35 -51.10 -5.06
CA GLN B 401 0.93 -51.95 -6.19
C GLN B 401 -0.40 -52.69 -5.97
N GLU B 402 -0.52 -53.32 -4.80
CA GLU B 402 -1.65 -54.22 -4.58
C GLU B 402 -2.89 -53.33 -4.26
N ASP B 403 -2.72 -52.27 -3.47
CA ASP B 403 -3.76 -51.26 -3.28
C ASP B 403 -4.27 -50.75 -4.63
N PHE B 404 -3.36 -50.43 -5.54
CA PHE B 404 -3.80 -50.02 -6.88
C PHE B 404 -4.55 -51.12 -7.58
N LEU B 405 -4.02 -52.33 -7.55
CA LEU B 405 -4.69 -53.45 -8.27
C LEU B 405 -6.04 -53.87 -7.66
N THR B 406 -6.13 -53.77 -6.35
CA THR B 406 -7.32 -54.12 -5.61
C THR B 406 -8.39 -53.03 -5.81
N SER B 407 -8.01 -51.79 -5.49
CA SER B 407 -8.97 -50.69 -5.31
C SER B 407 -9.33 -50.02 -6.62
N ILE B 408 -8.41 -49.93 -7.57
CA ILE B 408 -8.63 -49.11 -8.75
C ILE B 408 -8.75 -49.90 -10.01
N LEU B 409 -7.97 -50.96 -10.14
CA LEU B 409 -8.08 -51.79 -11.37
C LEU B 409 -9.53 -52.11 -11.76
N PRO B 410 -10.38 -52.52 -10.79
CA PRO B 410 -11.73 -52.99 -11.18
C PRO B 410 -12.64 -51.95 -11.87
N SER B 411 -12.45 -50.66 -11.57
CA SER B 411 -13.32 -49.59 -12.14
C SER B 411 -13.04 -49.30 -13.61
N LEU B 412 -12.00 -49.88 -14.19
CA LEU B 412 -11.64 -49.58 -15.54
C LEU B 412 -12.53 -50.28 -16.55
N THR B 413 -12.68 -49.62 -17.68
CA THR B 413 -13.59 -49.97 -18.71
C THR B 413 -12.74 -49.96 -19.99
N GLU B 414 -13.29 -50.51 -21.07
CA GLU B 414 -12.63 -50.64 -22.36
C GLU B 414 -12.41 -49.29 -23.07
N ILE B 415 -13.08 -48.23 -22.59
CA ILE B 415 -12.98 -46.90 -23.23
C ILE B 415 -11.96 -46.00 -22.53
N ASP B 416 -11.49 -46.40 -21.35
CA ASP B 416 -10.52 -45.65 -20.58
C ASP B 416 -9.14 -45.67 -21.17
N THR B 417 -8.40 -44.58 -20.94
CA THR B 417 -6.97 -44.48 -21.26
C THR B 417 -6.12 -44.48 -19.98
N VAL B 418 -5.07 -45.28 -19.99
CA VAL B 418 -4.14 -45.33 -18.86
C VAL B 418 -2.77 -44.99 -19.42
N VAL B 419 -2.11 -43.99 -18.84
CA VAL B 419 -0.78 -43.56 -19.26
C VAL B 419 0.15 -43.91 -18.14
N PHE B 420 1.23 -44.59 -18.51
CA PHE B 420 2.28 -44.97 -17.57
C PHE B 420 3.48 -44.09 -17.76
N ILE B 421 4.01 -43.57 -16.66
CA ILE B 421 5.05 -42.56 -16.69
C ILE B 421 6.11 -42.96 -15.71
N PHE B 422 7.30 -43.14 -16.22
CA PHE B 422 8.35 -43.80 -15.42
C PHE B 422 9.71 -43.68 -16.12
N THR B 423 10.76 -43.99 -15.37
CA THR B 423 12.15 -44.01 -15.85
C THR B 423 12.71 -45.45 -15.79
N LEU B 424 13.64 -45.78 -16.68
CA LEU B 424 14.23 -47.15 -16.65
C LEU B 424 15.00 -47.41 -15.34
N ASP B 425 15.20 -46.40 -14.49
CA ASP B 425 15.78 -46.61 -13.14
C ASP B 425 14.75 -46.94 -12.05
N ASP B 426 13.49 -47.03 -12.43
CA ASP B 426 12.44 -47.35 -11.48
C ASP B 426 12.33 -48.87 -11.34
N ASN B 427 11.90 -49.32 -10.16
CA ASN B 427 11.22 -50.62 -9.97
C ASN B 427 10.48 -51.12 -11.25
N LEU B 428 11.19 -51.62 -12.25
CA LEU B 428 10.57 -52.02 -13.54
C LEU B 428 9.75 -53.31 -13.53
N THR B 429 9.90 -54.10 -12.46
CA THR B 429 9.09 -55.30 -12.26
C THR B 429 7.63 -54.83 -11.98
N GLU B 430 7.50 -54.07 -10.88
CA GLU B 430 6.26 -53.36 -10.47
C GLU B 430 5.49 -52.69 -11.63
N VAL B 431 6.24 -52.07 -12.56
CA VAL B 431 5.64 -51.44 -13.71
C VAL B 431 4.93 -52.48 -14.51
N GLN B 432 5.67 -53.44 -15.06
CA GLN B 432 5.04 -54.46 -15.87
C GLN B 432 3.92 -55.26 -15.17
N THR B 433 4.03 -55.52 -13.90
CA THR B 433 2.93 -56.19 -13.17
C THR B 433 1.63 -55.42 -13.47
N ILE B 434 1.64 -54.15 -13.04
CA ILE B 434 0.47 -53.29 -13.04
C ILE B 434 -0.09 -53.11 -14.43
N VAL B 435 0.79 -53.00 -15.43
CA VAL B 435 0.33 -52.79 -16.80
C VAL B 435 -0.18 -54.06 -17.42
N GLU B 436 0.34 -55.20 -16.95
CA GLU B 436 -0.13 -56.50 -17.44
C GLU B 436 -1.63 -56.61 -17.17
N GLN B 437 -1.97 -56.44 -15.89
CA GLN B 437 -3.35 -56.55 -15.44
C GLN B 437 -4.21 -55.43 -16.08
N VAL B 438 -3.77 -54.17 -15.97
CA VAL B 438 -4.48 -53.05 -16.63
C VAL B 438 -4.84 -53.37 -18.08
N LYS B 439 -3.89 -53.95 -18.82
CA LYS B 439 -4.09 -54.23 -20.23
C LYS B 439 -5.28 -55.17 -20.46
N GLU B 440 -5.61 -55.99 -19.49
CA GLU B 440 -6.76 -56.89 -19.61
C GLU B 440 -8.11 -56.16 -19.69
N LYS B 441 -8.18 -54.95 -19.10
CA LYS B 441 -9.43 -54.17 -19.00
C LYS B 441 -9.56 -53.12 -20.13
N THR B 442 -8.43 -52.67 -20.67
CA THR B 442 -8.45 -51.69 -21.77
C THR B 442 -7.22 -51.80 -22.68
N ASN B 443 -7.46 -51.64 -23.99
CA ASN B 443 -6.35 -51.54 -24.94
C ASN B 443 -5.66 -50.19 -25.02
N HIS B 444 -6.32 -49.12 -24.51
CA HIS B 444 -5.83 -47.74 -24.69
C HIS B 444 -4.81 -47.37 -23.62
N ILE B 445 -3.63 -47.97 -23.73
CA ILE B 445 -2.51 -47.67 -22.88
C ILE B 445 -1.42 -47.08 -23.76
N GLN B 446 -0.50 -46.37 -23.13
CA GLN B 446 0.50 -45.53 -23.84
C GLN B 446 1.45 -45.26 -22.67
N ALA B 447 2.71 -45.00 -22.95
CA ALA B 447 3.70 -44.91 -21.90
C ALA B 447 4.64 -43.80 -22.19
N LEU B 448 5.28 -43.29 -21.16
CA LEU B 448 6.14 -42.18 -21.35
C LEU B 448 7.33 -42.49 -20.51
N ALA B 449 8.42 -42.92 -21.17
CA ALA B 449 9.54 -43.54 -20.43
C ALA B 449 10.82 -42.83 -20.71
N HIS B 450 11.49 -42.38 -19.67
CA HIS B 450 12.75 -41.68 -19.81
C HIS B 450 13.93 -42.65 -19.58
N SER B 451 14.94 -42.57 -20.43
CA SER B 451 16.19 -43.37 -20.29
C SER B 451 17.39 -42.49 -20.46
N THR B 452 18.53 -42.88 -19.89
CA THR B 452 19.83 -42.43 -20.40
C THR B 452 20.14 -43.28 -21.67
N VAL B 453 20.74 -42.68 -22.71
CA VAL B 453 21.08 -43.40 -23.97
C VAL B 453 21.97 -44.63 -23.66
N GLY B 454 21.60 -45.77 -24.23
CA GLY B 454 22.24 -47.05 -23.89
C GLY B 454 21.65 -47.77 -22.69
N GLN B 455 20.36 -47.53 -22.44
CA GLN B 455 19.60 -48.36 -21.52
C GLN B 455 18.53 -49.01 -22.40
N THR B 456 18.04 -50.16 -21.99
CA THR B 456 17.22 -50.97 -22.89
C THR B 456 15.86 -51.26 -22.25
N LEU B 457 14.80 -51.18 -23.04
CA LEU B 457 13.46 -51.45 -22.48
C LEU B 457 13.18 -52.96 -22.50
N PRO B 458 13.19 -53.63 -21.32
CA PRO B 458 12.82 -55.05 -21.20
C PRO B 458 11.81 -55.59 -22.21
N ILE B 459 11.95 -56.87 -22.53
CA ILE B 459 11.06 -57.59 -23.49
C ILE B 459 9.62 -57.80 -22.99
N PRO B 460 8.64 -57.91 -23.92
CA PRO B 460 7.25 -57.52 -23.72
C PRO B 460 6.97 -56.68 -22.47
N LEU B 461 7.81 -55.68 -22.31
CA LEU B 461 7.39 -54.39 -21.85
C LEU B 461 7.41 -53.60 -23.15
N LYS B 462 8.51 -53.68 -23.89
CA LYS B 462 8.60 -53.10 -25.24
C LYS B 462 7.51 -53.62 -26.14
N LYS B 463 6.92 -54.77 -25.81
CA LYS B 463 5.78 -55.27 -26.60
C LYS B 463 4.46 -55.20 -25.86
N LEU B 464 4.48 -54.94 -24.58
CA LEU B 464 3.27 -54.30 -24.01
C LEU B 464 2.99 -52.95 -24.70
N PHE B 465 4.02 -52.12 -24.91
CA PHE B 465 3.85 -50.80 -25.56
C PHE B 465 4.45 -50.73 -26.95
N PRO B 466 3.68 -51.10 -28.00
CA PRO B 466 4.28 -51.04 -29.36
C PRO B 466 5.02 -49.71 -29.65
N SER B 467 4.31 -48.58 -29.58
CA SER B 467 4.82 -47.25 -29.95
C SER B 467 4.98 -46.34 -28.73
N ILE B 468 5.74 -46.85 -27.77
CA ILE B 468 6.07 -46.13 -26.53
C ILE B 468 6.70 -44.76 -26.78
N ILE B 469 6.35 -43.80 -25.94
CA ILE B 469 6.95 -42.47 -25.99
C ILE B 469 8.20 -42.49 -25.14
N SER B 470 9.29 -42.81 -25.80
CA SER B 470 10.53 -42.97 -25.10
C SER B 470 11.18 -41.63 -25.23
N ILE B 471 11.74 -41.14 -24.14
CA ILE B 471 12.55 -39.95 -24.19
C ILE B 471 13.87 -40.44 -23.76
N THR B 472 14.78 -40.50 -24.72
CA THR B 472 16.14 -40.93 -24.41
C THR B 472 17.01 -39.67 -24.26
N TRP B 473 17.69 -39.55 -23.14
CA TRP B 473 18.55 -38.42 -22.80
C TRP B 473 20.07 -38.73 -22.91
N PRO B 474 20.82 -37.85 -23.59
CA PRO B 474 22.25 -38.00 -23.63
C PRO B 474 22.90 -38.07 -22.27
N LEU B 475 24.00 -38.81 -22.16
CA LEU B 475 24.84 -38.79 -20.98
C LEU B 475 25.42 -37.38 -20.86
N LEU B 476 25.71 -36.99 -19.62
CA LEU B 476 25.99 -35.60 -19.27
C LEU B 476 26.63 -35.65 -17.90
N PHE B 477 27.77 -34.97 -17.73
CA PHE B 477 28.43 -34.98 -16.42
C PHE B 477 27.44 -34.39 -15.40
N PHE B 478 27.43 -34.98 -14.20
CA PHE B 478 26.67 -34.43 -13.07
C PHE B 478 27.53 -34.38 -11.80
N GLU B 479 27.39 -33.32 -10.99
CA GLU B 479 28.30 -33.15 -9.84
C GLU B 479 27.86 -33.96 -8.63
N TYR B 480 26.56 -34.12 -8.44
CA TYR B 480 26.06 -34.69 -7.22
C TYR B 480 25.38 -36.04 -7.47
N GLU B 481 25.50 -36.94 -6.49
CA GLU B 481 25.07 -38.35 -6.62
C GLU B 481 23.62 -38.52 -7.14
N GLY B 482 22.72 -37.69 -6.62
CA GLY B 482 21.31 -37.78 -7.00
C GLY B 482 21.00 -37.44 -8.45
N ASN B 483 21.98 -36.84 -9.15
CA ASN B 483 21.83 -36.48 -10.58
C ASN B 483 20.58 -35.57 -10.76
N PHE B 484 20.68 -34.45 -10.08
CA PHE B 484 19.59 -33.50 -9.99
C PHE B 484 19.31 -32.86 -11.36
N ILE B 485 20.37 -32.51 -12.10
CA ILE B 485 20.18 -32.03 -13.43
C ILE B 485 19.30 -33.01 -14.24
N GLN B 486 19.54 -34.31 -14.15
CA GLN B 486 18.69 -35.33 -14.81
C GLN B 486 17.23 -35.34 -14.30
N LYS B 487 17.09 -35.20 -12.99
CA LYS B 487 15.78 -35.20 -12.31
C LYS B 487 15.00 -34.02 -12.89
N PHE B 488 15.63 -32.85 -12.87
CA PHE B 488 14.98 -31.61 -13.37
C PHE B 488 14.56 -31.69 -14.80
N GLN B 489 15.41 -32.27 -15.65
CA GLN B 489 15.05 -32.42 -17.08
C GLN B 489 13.84 -33.28 -17.28
N ARG B 490 13.79 -34.31 -16.46
CA ARG B 490 12.73 -35.34 -16.55
C ARG B 490 11.42 -34.76 -16.01
N GLU B 491 11.48 -34.10 -14.88
CA GLU B 491 10.27 -33.43 -14.31
C GLU B 491 9.72 -32.47 -15.36
N LEU B 492 10.62 -31.67 -15.92
CA LEU B 492 10.17 -30.66 -16.90
C LEU B 492 9.60 -31.26 -18.12
N SER B 493 10.31 -32.25 -18.68
CA SER B 493 9.80 -32.93 -19.88
C SER B 493 8.39 -33.54 -19.65
N THR B 494 8.24 -34.19 -18.50
CA THR B 494 6.94 -34.83 -18.17
C THR B 494 5.84 -33.75 -18.04
N LYS B 495 6.16 -32.68 -17.32
CA LYS B 495 5.27 -31.52 -17.22
C LYS B 495 4.82 -31.05 -18.56
N TRP B 496 5.76 -30.88 -19.50
CA TRP B 496 5.38 -30.38 -20.84
C TRP B 496 4.42 -31.30 -21.53
N VAL B 497 4.69 -32.59 -21.47
CA VAL B 497 3.84 -33.59 -22.21
C VAL B 497 2.39 -33.68 -21.67
N LEU B 498 2.28 -33.86 -20.37
CA LEU B 498 0.99 -33.89 -19.68
C LEU B 498 0.18 -32.59 -19.83
N ASN B 499 0.82 -31.44 -19.59
CA ASN B 499 0.15 -30.14 -19.88
C ASN B 499 -0.47 -30.10 -21.29
N THR B 500 0.36 -30.46 -22.27
CA THR B 500 -0.02 -30.39 -23.68
C THR B 500 -1.15 -31.33 -23.91
N VAL B 501 -1.03 -32.53 -23.37
CA VAL B 501 -2.04 -33.58 -23.61
C VAL B 501 -3.40 -33.22 -22.99
N SER B 502 -3.37 -32.85 -21.72
CA SER B 502 -4.60 -32.51 -21.02
C SER B 502 -5.26 -31.27 -21.64
N THR B 503 -4.45 -30.24 -21.85
CA THR B 503 -4.92 -29.02 -22.42
C THR B 503 -5.44 -29.33 -23.83
N GLY B 504 -4.62 -29.92 -24.71
CA GLY B 504 -5.13 -30.27 -26.08
C GLY B 504 -6.31 -31.23 -26.12
N ALA B 505 -6.36 -32.17 -25.17
CA ALA B 505 -7.49 -33.11 -25.16
C ALA B 505 -8.81 -32.35 -24.87
N HIS B 506 -8.75 -31.27 -24.12
CA HIS B 506 -9.96 -30.52 -23.80
C HIS B 506 -10.34 -29.58 -24.91
N VAL B 507 -9.32 -29.07 -25.58
CA VAL B 507 -9.54 -28.26 -26.75
C VAL B 507 -10.21 -29.06 -27.85
N LEU B 508 -9.82 -30.33 -28.03
CA LEU B 508 -10.44 -31.12 -29.13
C LEU B 508 -11.90 -31.45 -28.82
N LEU B 509 -12.25 -31.47 -27.53
CA LEU B 509 -13.67 -31.60 -27.16
C LEU B 509 -14.48 -30.33 -27.38
N GLY B 510 -13.85 -29.28 -27.91
CA GLY B 510 -14.57 -28.00 -28.13
C GLY B 510 -14.85 -27.17 -26.86
N LYS B 511 -14.05 -27.36 -25.78
CA LYS B 511 -14.23 -26.62 -24.51
C LYS B 511 -13.66 -25.23 -24.50
N ILE B 512 -12.81 -24.91 -25.46
CA ILE B 512 -12.04 -23.66 -25.44
C ILE B 512 -12.50 -22.82 -26.58
N LEU B 513 -12.55 -21.51 -26.35
CA LEU B 513 -13.21 -20.63 -27.31
C LEU B 513 -12.17 -19.70 -27.86
N GLN B 514 -11.77 -19.99 -29.12
CA GLN B 514 -10.53 -19.46 -29.70
C GLN B 514 -9.30 -19.98 -28.90
N ASN B 515 -8.81 -19.18 -27.98
CA ASN B 515 -7.82 -19.59 -27.00
C ASN B 515 -8.17 -19.06 -25.61
N HIS B 516 -9.46 -18.98 -25.33
CA HIS B 516 -9.92 -18.62 -23.98
C HIS B 516 -10.72 -19.74 -23.44
N MET B 517 -10.59 -19.95 -22.15
CA MET B 517 -11.54 -20.78 -21.45
C MET B 517 -12.66 -19.87 -20.92
N LEU B 518 -13.72 -19.71 -21.69
CA LEU B 518 -14.80 -18.78 -21.29
C LEU B 518 -15.57 -19.26 -20.06
N ASP B 519 -15.89 -20.54 -20.05
CA ASP B 519 -16.73 -21.09 -19.00
C ASP B 519 -15.93 -21.55 -17.76
N LEU B 520 -15.18 -20.64 -17.17
CA LEU B 520 -14.47 -20.98 -15.96
C LEU B 520 -15.27 -20.64 -14.71
N ARG B 521 -14.88 -21.28 -13.63
CA ARG B 521 -15.47 -21.10 -12.34
C ARG B 521 -14.79 -19.96 -11.64
N ILE B 522 -15.57 -18.94 -11.26
CA ILE B 522 -15.03 -17.76 -10.64
C ILE B 522 -14.75 -18.08 -9.19
N SER B 523 -13.49 -18.45 -8.93
CA SER B 523 -13.14 -18.91 -7.60
C SER B 523 -12.10 -18.03 -6.89
N ASN B 524 -11.61 -16.99 -7.57
CA ASN B 524 -10.87 -15.94 -6.87
C ASN B 524 -10.98 -14.57 -7.59
N SER B 525 -10.41 -13.54 -7.00
CA SER B 525 -10.54 -12.23 -7.56
C SER B 525 -9.97 -12.12 -8.99
N LYS B 526 -8.85 -12.76 -9.21
CA LYS B 526 -8.22 -12.70 -10.51
C LYS B 526 -9.10 -13.36 -11.57
N LEU B 527 -9.74 -14.46 -11.20
CA LEU B 527 -10.64 -15.18 -12.14
C LEU B 527 -11.90 -14.35 -12.40
N PHE B 528 -12.32 -13.58 -11.41
CA PHE B 528 -13.38 -12.60 -11.59
C PHE B 528 -12.99 -11.52 -12.61
N TRP B 529 -11.83 -10.91 -12.47
CA TRP B 529 -11.40 -9.97 -13.50
C TRP B 529 -11.24 -10.58 -14.91
N ARG B 530 -10.80 -11.84 -14.99
CA ARG B 530 -10.64 -12.50 -16.30
C ARG B 530 -12.04 -12.76 -16.85
N ALA B 531 -12.98 -13.19 -16.03
CA ALA B 531 -14.36 -13.30 -16.48
C ALA B 531 -14.81 -11.95 -17.06
N LEU B 532 -14.63 -10.87 -16.31
CA LEU B 532 -15.03 -9.57 -16.86
C LEU B 532 -14.30 -9.23 -18.17
N ALA B 533 -12.99 -9.41 -18.20
CA ALA B 533 -12.24 -9.16 -19.43
C ALA B 533 -12.75 -9.98 -20.64
N MET B 534 -13.21 -11.19 -20.38
CA MET B 534 -13.74 -12.03 -21.44
C MET B 534 -15.08 -11.48 -21.93
N LEU B 535 -15.92 -11.06 -21.04
CA LEU B 535 -17.18 -10.46 -21.43
C LEU B 535 -16.96 -9.23 -22.35
N GLN B 536 -16.10 -8.32 -21.94
CA GLN B 536 -15.67 -7.22 -22.78
C GLN B 536 -15.24 -7.68 -24.17
N ARG B 537 -14.30 -8.61 -24.23
CA ARG B 537 -13.72 -8.98 -25.52
C ARG B 537 -14.74 -9.64 -26.46
N PHE B 538 -15.56 -10.53 -25.94
CA PHE B 538 -16.52 -11.23 -26.81
C PHE B 538 -17.80 -10.43 -27.09
N SER B 539 -18.21 -9.57 -26.15
CA SER B 539 -19.45 -8.78 -26.33
C SER B 539 -19.18 -7.47 -27.02
N GLY B 540 -18.06 -6.85 -26.67
CA GLY B 540 -17.66 -5.56 -27.28
C GLY B 540 -18.38 -4.41 -26.61
N GLN B 541 -19.17 -4.76 -25.60
CA GLN B 541 -20.01 -3.80 -24.88
C GLN B 541 -19.31 -3.11 -23.73
N SER B 542 -19.90 -2.02 -23.27
CA SER B 542 -19.31 -1.17 -22.25
C SER B 542 -19.00 -1.99 -21.01
N LYS B 543 -18.16 -1.41 -20.16
CA LYS B 543 -17.78 -2.05 -18.94
C LYS B 543 -18.95 -2.08 -17.98
N ALA B 544 -19.75 -1.01 -17.99
CA ALA B 544 -20.86 -0.93 -17.06
C ALA B 544 -21.87 -2.05 -17.34
N ARG B 545 -22.14 -2.35 -18.62
CA ARG B 545 -23.09 -3.43 -18.97
C ARG B 545 -22.45 -4.81 -18.75
N CYS B 546 -21.13 -4.90 -18.96
CA CYS B 546 -20.40 -6.15 -18.72
C CYS B 546 -20.42 -6.48 -17.25
N ILE B 547 -20.16 -5.47 -16.42
CA ILE B 547 -20.19 -5.64 -14.99
C ILE B 547 -21.58 -5.96 -14.53
N GLU B 548 -22.59 -5.24 -15.01
CA GLU B 548 -23.98 -5.48 -14.53
C GLU B 548 -24.44 -6.88 -14.96
N SER B 549 -24.09 -7.27 -16.17
CA SER B 549 -24.45 -8.61 -16.59
C SER B 549 -23.78 -9.69 -15.72
N LEU B 550 -22.55 -9.48 -15.32
CA LEU B 550 -21.80 -10.47 -14.54
C LEU B 550 -22.34 -10.57 -13.17
N LEU B 551 -22.60 -9.43 -12.56
CA LEU B 551 -23.15 -9.45 -11.20
C LEU B 551 -24.54 -10.01 -11.18
N ARG B 552 -25.35 -9.74 -12.21
CA ARG B 552 -26.71 -10.26 -12.19
C ARG B 552 -26.65 -11.78 -12.35
N ALA B 553 -25.81 -12.26 -13.30
CA ALA B 553 -25.70 -13.69 -13.59
C ALA B 553 -25.24 -14.40 -12.31
N ILE B 554 -24.36 -13.74 -11.55
CA ILE B 554 -23.85 -14.30 -10.32
C ILE B 554 -24.89 -14.35 -9.21
N HIS B 555 -25.51 -13.23 -8.95
CA HIS B 555 -26.35 -13.19 -7.77
C HIS B 555 -27.80 -13.61 -8.01
N PHE B 556 -28.17 -13.85 -9.26
CA PHE B 556 -29.51 -14.34 -9.59
C PHE B 556 -29.85 -15.46 -8.67
N PRO B 557 -31.09 -15.49 -8.14
CA PRO B 557 -32.23 -14.62 -8.36
C PRO B 557 -32.27 -13.33 -7.53
N GLN B 558 -31.21 -12.96 -6.80
CA GLN B 558 -31.21 -11.69 -6.14
C GLN B 558 -31.06 -10.62 -7.19
N PRO B 559 -31.85 -9.51 -7.09
CA PRO B 559 -31.59 -8.36 -7.96
C PRO B 559 -30.36 -7.62 -7.49
N LEU B 560 -29.87 -6.77 -8.35
CA LEU B 560 -28.73 -5.96 -8.08
C LEU B 560 -29.04 -4.78 -7.15
N SER B 561 -28.88 -4.93 -5.84
CA SER B 561 -28.99 -3.81 -4.93
C SER B 561 -27.76 -2.89 -4.99
N ASP B 562 -27.83 -1.74 -4.35
CA ASP B 562 -26.65 -0.88 -4.14
C ASP B 562 -25.56 -1.63 -3.33
N ASP B 563 -26.00 -2.44 -2.40
CA ASP B 563 -25.11 -3.18 -1.54
C ASP B 563 -24.26 -4.18 -2.32
N ILE B 564 -24.90 -4.87 -3.27
CA ILE B 564 -24.23 -5.85 -4.09
C ILE B 564 -23.26 -5.08 -5.00
N ARG B 565 -23.67 -3.96 -5.56
CA ARG B 565 -22.77 -3.22 -6.44
C ARG B 565 -21.52 -2.83 -5.70
N ALA B 566 -21.63 -2.50 -4.43
CA ALA B 566 -20.53 -1.91 -3.71
C ALA B 566 -19.76 -2.93 -2.85
N ALA B 567 -20.23 -4.16 -2.85
CA ALA B 567 -19.62 -5.23 -2.11
C ALA B 567 -18.16 -5.50 -2.53
N PRO B 568 -17.37 -6.05 -1.61
CA PRO B 568 -16.00 -6.46 -2.03
C PRO B 568 -16.06 -7.55 -3.08
N ILE B 569 -15.09 -7.60 -3.96
CA ILE B 569 -15.01 -8.70 -4.91
C ILE B 569 -15.18 -10.09 -4.28
N SER B 570 -14.58 -10.35 -3.11
CA SER B 570 -14.77 -11.68 -2.45
C SER B 570 -16.22 -12.05 -2.26
N CYS B 571 -17.10 -11.05 -2.15
CA CYS B 571 -18.53 -11.33 -2.06
C CYS B 571 -19.05 -12.01 -3.36
N HIS B 572 -18.69 -11.45 -4.51
CA HIS B 572 -19.16 -12.01 -5.76
C HIS B 572 -18.52 -13.37 -5.99
N VAL B 573 -17.23 -13.42 -5.70
CA VAL B 573 -16.50 -14.67 -5.76
C VAL B 573 -17.14 -15.80 -4.92
N GLN B 574 -17.43 -15.57 -3.64
CA GLN B 574 -18.09 -16.62 -2.82
C GLN B 574 -19.39 -17.14 -3.48
N VAL B 575 -20.19 -16.23 -4.02
CA VAL B 575 -21.43 -16.67 -4.63
C VAL B 575 -21.19 -17.37 -5.96
N ALA B 576 -20.34 -16.81 -6.82
CA ALA B 576 -20.10 -17.41 -8.14
C ALA B 576 -19.49 -18.76 -8.09
N HIS B 577 -18.64 -18.98 -7.10
CA HIS B 577 -17.95 -20.24 -6.94
C HIS B 577 -18.86 -21.44 -6.88
N GLU B 578 -20.05 -21.24 -6.36
CA GLU B 578 -21.01 -22.29 -6.13
C GLU B 578 -21.86 -22.56 -7.35
N LYS B 579 -21.78 -21.74 -8.41
CA LYS B 579 -22.72 -21.85 -9.54
C LYS B 579 -22.10 -22.46 -10.76
N GLU B 580 -22.95 -22.82 -11.71
CA GLU B 580 -22.51 -23.32 -13.00
C GLU B 580 -22.85 -22.33 -14.13
N GLN B 581 -21.94 -22.18 -15.11
CA GLN B 581 -22.21 -21.49 -16.35
C GLN B 581 -22.42 -19.98 -16.16
N VAL B 582 -21.84 -19.43 -15.13
CA VAL B 582 -22.08 -18.05 -14.83
C VAL B 582 -21.70 -17.14 -15.99
N ILE B 583 -20.56 -17.43 -16.59
CA ILE B 583 -20.04 -16.53 -17.55
C ILE B 583 -20.73 -16.66 -18.87
N PRO B 584 -21.07 -17.90 -19.23
CA PRO B 584 -21.86 -18.02 -20.47
C PRO B 584 -23.25 -17.41 -20.36
N ILE B 585 -23.88 -17.53 -19.21
CA ILE B 585 -25.14 -16.87 -19.00
C ILE B 585 -24.96 -15.38 -19.05
N ALA B 586 -23.91 -14.87 -18.42
CA ALA B 586 -23.72 -13.40 -18.44
C ALA B 586 -23.45 -12.88 -19.87
N LEU B 587 -22.75 -13.66 -20.70
CA LEU B 587 -22.47 -13.24 -22.06
C LEU B 587 -23.71 -13.33 -22.95
N LEU B 588 -24.58 -14.30 -22.71
CA LEU B 588 -25.76 -14.43 -23.54
C LEU B 588 -26.69 -13.27 -23.23
N SER B 589 -26.85 -12.96 -21.94
CA SER B 589 -27.58 -11.78 -21.55
C SER B 589 -27.11 -10.56 -22.33
N LEU B 590 -25.79 -10.34 -22.39
CA LEU B 590 -25.23 -9.24 -23.14
C LEU B 590 -25.49 -9.30 -24.66
N LEU B 591 -25.24 -10.44 -25.28
CA LEU B 591 -25.36 -10.57 -26.75
C LEU B 591 -26.82 -10.44 -27.22
N PHE B 592 -27.75 -11.00 -26.45
CA PHE B 592 -29.17 -10.93 -26.76
C PHE B 592 -29.91 -9.72 -26.15
N ARG B 593 -29.25 -8.93 -25.30
CA ARG B 593 -29.91 -7.79 -24.69
C ARG B 593 -31.08 -8.25 -23.89
N CYS B 594 -30.91 -9.38 -23.25
CA CYS B 594 -32.02 -10.00 -22.59
C CYS B 594 -31.73 -10.09 -21.13
N SER B 595 -32.65 -10.66 -20.38
CA SER B 595 -32.49 -10.81 -18.94
C SER B 595 -31.85 -12.14 -18.58
N ILE B 596 -31.35 -12.22 -17.37
CA ILE B 596 -30.85 -13.50 -16.87
C ILE B 596 -31.88 -14.63 -17.06
N THR B 597 -33.13 -14.39 -16.68
CA THR B 597 -34.23 -15.37 -16.82
C THR B 597 -34.31 -15.88 -18.25
N GLU B 598 -34.18 -14.95 -19.19
CA GLU B 598 -34.23 -15.30 -20.59
C GLU B 598 -32.95 -15.98 -21.11
N ALA B 599 -31.78 -15.63 -20.60
CA ALA B 599 -30.54 -16.22 -21.07
C ALA B 599 -30.45 -17.69 -20.53
N GLN B 600 -30.85 -17.90 -19.30
CA GLN B 600 -31.02 -19.24 -18.74
C GLN B 600 -31.92 -20.19 -19.51
N ALA B 601 -33.10 -19.73 -19.93
CA ALA B 601 -34.04 -20.59 -20.65
C ALA B 601 -33.47 -20.90 -22.00
N HIS B 602 -32.78 -19.92 -22.55
CA HIS B 602 -32.15 -20.07 -23.83
C HIS B 602 -31.06 -21.12 -23.72
N LEU B 603 -30.17 -20.97 -22.73
CA LEU B 603 -29.10 -21.94 -22.51
C LEU B 603 -29.63 -23.34 -22.30
N ALA B 604 -30.65 -23.49 -21.47
CA ALA B 604 -31.14 -24.82 -21.13
C ALA B 604 -31.86 -25.52 -22.29
N ALA B 605 -32.26 -24.77 -23.32
CA ALA B 605 -32.95 -25.36 -24.47
C ALA B 605 -32.03 -25.62 -25.67
N ALA B 606 -30.75 -25.25 -25.57
CA ALA B 606 -29.80 -25.51 -26.65
C ALA B 606 -29.06 -26.84 -26.42
N PRO B 607 -28.40 -27.37 -27.45
CA PRO B 607 -27.77 -28.69 -27.27
C PRO B 607 -26.66 -28.71 -26.19
N SER B 608 -25.75 -27.73 -26.23
CA SER B 608 -24.66 -27.64 -25.25
C SER B 608 -24.35 -26.17 -24.96
N VAL B 609 -23.71 -25.93 -23.81
CA VAL B 609 -23.20 -24.62 -23.52
C VAL B 609 -22.45 -24.04 -24.67
N CYS B 610 -21.54 -24.82 -25.27
CA CYS B 610 -20.60 -24.31 -26.29
C CYS B 610 -21.31 -23.97 -27.60
N GLU B 611 -22.35 -24.73 -27.91
CA GLU B 611 -23.11 -24.46 -29.12
C GLU B 611 -23.98 -23.21 -28.86
N ALA B 612 -24.61 -23.13 -27.70
CA ALA B 612 -25.37 -21.92 -27.37
C ALA B 612 -24.43 -20.71 -27.49
N VAL B 613 -23.20 -20.80 -26.97
CA VAL B 613 -22.28 -19.61 -27.00
C VAL B 613 -21.83 -19.25 -28.38
N ARG B 614 -21.40 -20.26 -29.16
CA ARG B 614 -20.94 -20.03 -30.53
C ARG B 614 -22.04 -19.52 -31.47
N SER B 615 -23.25 -20.07 -31.38
CA SER B 615 -24.36 -19.63 -32.28
C SER B 615 -24.74 -18.21 -31.98
N ALA B 616 -24.66 -17.86 -30.71
CA ALA B 616 -25.00 -16.53 -30.26
C ALA B 616 -23.94 -15.52 -30.69
N LEU B 617 -22.70 -15.97 -30.85
CA LEU B 617 -21.64 -15.10 -31.37
C LEU B 617 -21.67 -14.90 -32.89
N ALA B 618 -22.45 -15.69 -33.64
CA ALA B 618 -22.42 -15.60 -35.13
C ALA B 618 -23.69 -14.98 -35.73
I IOD C . -15.88 19.45 33.30
I IOD D . 9.80 36.37 -0.20
I IOD E . -13.99 24.38 2.47
I IOD F . 0.18 48.24 11.48
I IOD G . -20.44 22.77 28.04
I IOD H . 14.48 17.64 12.09
I IOD I . 12.55 7.80 -11.28
I IOD J . 2.33 -3.81 10.36
I IOD K . 6.75 27.44 -19.56
I IOD L . -26.01 18.23 7.44
I IOD M . -7.86 23.20 -19.70
I IOD N . -8.54 40.96 34.46
C1 S6P O . 2.22 23.34 10.34
C2 S6P O . 3.18 22.87 11.38
C3 S6P O . 3.59 21.50 11.03
C4 S6P O . 2.44 20.48 11.08
C5 S6P O . 3.00 19.08 10.85
C6 S6P O . 1.94 18.01 10.71
O1 S6P O . 1.97 24.74 10.55
O2 S6P O . 4.34 23.72 11.25
O3 S6P O . 4.59 21.10 11.96
O4 S6P O . 1.75 20.54 12.33
O5 S6P O . 3.76 19.08 9.62
O6 S6P O . 0.92 18.37 9.81
P S6P O . -0.22 17.35 9.66
O1P S6P O . -0.95 17.76 8.42
O2P S6P O . -1.04 17.37 10.98
O3P S6P O . 0.25 15.84 9.62
C22 1YY P . 2.84 19.91 -6.29
C21 1YY P . 1.31 20.22 -6.39
C20 1YY P . 0.75 19.83 -7.77
O4 1YY P . 0.72 18.40 -7.98
C19 1YY P . 0.14 17.60 -6.92
C18 1YY P . 0.76 18.05 -5.59
N3 1YY P . 0.53 19.49 -5.37
C5 1YY P . 0.93 19.89 -4.02
C3 1YY P . -0.22 20.03 -3.00
C2 1YY P . -0.23 18.79 -2.04
N1 1YY P . 1.11 18.54 -1.48
S1 1YY P . 1.19 17.10 -0.76
O1 1YY P . 2.38 17.07 0.14
O2 1YY P . 1.14 16.09 -1.85
C6 1YY P . -0.20 16.82 0.24
C7 1YY P . -1.32 16.16 -0.10
C8 1YY P . -2.24 16.16 0.88
C9 1YY P . -1.92 16.80 2.03
S2 1YY P . -0.33 17.39 1.81
C1 1YY P . 1.28 19.61 -0.53
C4 1YY P . 1.13 20.99 -1.17
N2 1YY P . 0.18 21.15 -2.24
C10 1YY P . -0.09 22.44 -2.70
C15 1YY P . 0.32 23.54 -1.97
C14 1YY P . 0.08 24.82 -2.39
C11 1YY P . -0.76 22.67 -3.88
C12 1YY P . -1.02 23.95 -4.34
C13 1YY P . -0.60 25.02 -3.59
C16 1YY P . -0.83 26.42 -4.07
C23 1YY P . -1.92 27.15 -3.35
F2 1YY P . -2.20 28.32 -3.97
F3 1YY P . -1.51 27.37 -2.07
F1 1YY P . -2.98 26.41 -3.46
C17 1YY P . 0.47 27.15 -3.73
O3 1YY P . -1.10 26.39 -5.44
C1 GOL Q . 8.73 16.46 -15.21
O1 GOL Q . 7.44 16.45 -15.84
C2 GOL Q . 9.19 15.05 -14.87
O2 GOL Q . 10.56 15.06 -14.32
C3 GOL Q . 8.19 14.40 -13.91
O3 GOL Q . 7.17 13.53 -14.48
I IOD R . 23.72 -32.50 -10.46
I IOD S . -18.13 -21.94 -24.16
I IOD T . 6.32 -10.96 -24.90
I IOD U . 24.40 -28.66 -17.07
I IOD V . -7.90 -34.76 -34.09
I IOD W . -11.06 -22.87 -2.41
I IOD X . -22.42 -0.90 -25.58
I IOD Y . -18.07 1.47 -4.05
I IOD Z . 4.25 -6.42 7.94
I IOD AA . 12.14 -46.93 -23.87
I IOD BA . -9.39 5.47 -29.18
I IOD CA . 8.96 -13.69 12.04
I IOD DA . 8.67 -39.31 -4.48
I IOD EA . -16.90 2.21 -12.36
C1 S6P FA . -3.11 -21.14 -13.50
C2 S6P FA . -3.39 -21.99 -12.25
C3 S6P FA . -3.58 -21.12 -11.08
C4 S6P FA . -2.38 -20.30 -10.78
C5 S6P FA . -2.52 -19.62 -9.42
C6 S6P FA . -1.31 -18.74 -9.11
O1 S6P FA . -3.34 -21.98 -14.65
O2 S6P FA . -4.59 -22.71 -12.48
O3 S6P FA . -3.81 -21.90 -9.95
O4 S6P FA . -1.24 -21.16 -10.71
O5 S6P FA . -3.64 -18.73 -9.49
O6 S6P FA . -1.04 -17.75 -10.14
P S6P FA . 0.18 -16.79 -9.98
O1P S6P FA . 0.21 -15.86 -11.14
O2P S6P FA . 0.16 -16.06 -8.62
O3P S6P FA . 1.49 -17.71 -9.94
C22 1YY GA . -10.87 -6.24 -16.95
C21 1YY GA . -9.58 -5.77 -17.63
C20 1YY GA . -9.61 -4.26 -17.88
O4 1YY GA . -9.40 -3.42 -16.78
C19 1YY GA . -8.01 -3.68 -16.30
C18 1YY GA . -7.95 -5.14 -15.78
N3 1YY GA . -8.32 -6.09 -16.90
C5 1YY GA . -8.22 -7.54 -16.57
C3 1YY GA . -6.81 -8.16 -16.89
C2 1YY GA . -5.93 -8.19 -15.63
N1 1YY GA . -6.64 -8.89 -14.54
S1 1YY GA . -5.93 -8.80 -13.01
O1 1YY GA . -6.54 -9.87 -12.19
O2 1YY GA . -6.14 -7.42 -12.52
C6 1YY GA . -4.23 -9.00 -13.15
C7 1YY GA . -3.30 -8.02 -13.34
C8 1YY GA . -2.04 -8.50 -13.43
C9 1YY GA . -1.90 -9.84 -13.29
S2 1YY GA . -3.46 -10.54 -13.06
C1 1YY GA . -6.67 -10.28 -14.97
C4 1YY GA . -7.41 -10.48 -16.29
N2 1YY GA . -7.04 -9.52 -17.33
C10 1YY GA . -7.34 -9.80 -18.66
C15 1YY GA . -7.54 -11.10 -19.10
C14 1YY GA . -7.91 -11.34 -20.42
C11 1YY GA . -7.48 -8.78 -19.58
C12 1YY GA . -7.87 -9.01 -20.90
C13 1YY GA . -8.09 -10.28 -21.33
C16 1YY GA . -8.48 -10.57 -22.77
C23 1YY GA . -7.35 -11.17 -23.56
F2 1YY GA . -7.68 -11.21 -24.82
F3 1YY GA . -7.07 -12.42 -23.11
F1 1YY GA . -6.33 -10.36 -23.46
C17 1YY GA . -9.60 -11.62 -22.76
O3 1YY GA . -8.87 -9.39 -23.40
C1 GOL HA . 10.15 -28.86 2.47
O1 GOL HA . 9.65 -28.69 3.82
C2 GOL HA . 10.22 -30.29 1.96
O2 GOL HA . 9.89 -30.25 0.58
C3 GOL HA . 11.66 -30.85 2.12
O3 GOL HA . 11.75 -32.27 2.20
S SO4 IA . -11.66 -36.40 -31.21
O1 SO4 IA . -10.21 -36.66 -31.44
O2 SO4 IA . -12.47 -37.66 -31.35
O3 SO4 IA . -12.09 -35.41 -32.24
O4 SO4 IA . -11.92 -35.89 -29.80
S SO4 JA . -11.38 -30.18 -34.83
O1 SO4 JA . -12.03 -31.53 -34.92
O2 SO4 JA . -9.97 -30.45 -35.22
O3 SO4 JA . -12.06 -29.20 -35.75
O4 SO4 JA . -11.48 -29.56 -33.44
#